data_5XTQ
#
_entry.id   5XTQ
#
_cell.length_a   59.098
_cell.length_b   76.040
_cell.length_c   80.631
_cell.angle_alpha   84.610
_cell.angle_beta   71.270
_cell.angle_gamma   69.000
#
_symmetry.space_group_name_H-M   'P 1'
#
loop_
_entity.id
_entity.type
_entity.pdbx_description
1 polymer 'FAD-linked sulfhydryl oxidase'
2 non-polymer 'FLAVIN-ADENINE DINUCLEOTIDE'
3 non-polymer GLYCEROL
4 water water
#
_entity_poly.entity_id   1
_entity_poly.type   'polypeptide(L)'
_entity_poly.pdbx_seq_one_letter_code
;MGSSHHHHHHSSGLVPRGSHMASMTGGQQMGRGSMIPLTPLFSRYKDSYLLYSFRLIDLLRASKSTHLTKLLSSQATYLY
HFACLMKYKDIQKYEVQQLIEWAINASPDMDLQQFRIEFMDKTTELNLRSCQPKSFTYTFTTIWDTMHFLSLIIDDMVYT
RDKSSLDFVMQQLKTMKVLFYNVFFILQCAMCRDHYMNVKGFIIYHIELIEIALDKEKYGTDITFVDSYQQETAGADVAV
VSNNMLMKNLMAYVSMTFHNDINDYKWIQRNKKPPAHYERMTWGEYKKLLNLQ
;
_entity_poly.pdbx_strand_id   A,B,C,D
#
loop_
_chem_comp.id
_chem_comp.type
_chem_comp.name
_chem_comp.formula
FAD non-polymer 'FLAVIN-ADENINE DINUCLEOTIDE' 'C27 H33 N9 O15 P2'
GOL non-polymer GLYCEROL 'C3 H8 O3'
#
# COMPACT_ATOMS: atom_id res chain seq x y z
N MET A 35 -3.93 -38.77 13.45
CA MET A 35 -3.60 -38.30 12.10
C MET A 35 -4.60 -38.92 11.10
N ILE A 36 -4.34 -38.77 9.81
CA ILE A 36 -5.30 -39.07 8.75
C ILE A 36 -5.42 -40.57 8.54
N PRO A 37 -6.63 -41.09 8.26
CA PRO A 37 -6.78 -42.53 8.04
C PRO A 37 -6.01 -43.02 6.82
N LEU A 38 -5.46 -44.23 6.93
CA LEU A 38 -4.77 -44.89 5.83
C LEU A 38 -5.80 -45.65 5.00
N THR A 39 -5.94 -45.26 3.74
CA THR A 39 -6.86 -45.85 2.78
C THR A 39 -6.12 -45.92 1.45
N PRO A 40 -6.62 -46.71 0.50
CA PRO A 40 -6.03 -46.64 -0.85
C PRO A 40 -6.08 -45.26 -1.46
N LEU A 41 -7.19 -44.54 -1.32
CA LEU A 41 -7.28 -43.22 -1.94
C LEU A 41 -6.30 -42.24 -1.32
N PHE A 42 -6.15 -42.29 0.02
CA PHE A 42 -5.17 -41.42 0.66
C PHE A 42 -3.75 -41.77 0.22
N SER A 43 -3.48 -43.06 -0.04
CA SER A 43 -2.14 -43.43 -0.51
C SER A 43 -1.85 -42.79 -1.85
N ARG A 44 -2.81 -42.82 -2.78
CA ARG A 44 -2.67 -42.08 -4.03
C ARG A 44 -2.42 -40.60 -3.78
N TYR A 45 -3.26 -39.96 -2.95
CA TYR A 45 -3.11 -38.54 -2.65
C TYR A 45 -1.67 -38.21 -2.27
N LYS A 46 -1.09 -38.99 -1.36
CA LYS A 46 0.26 -38.69 -0.90
C LYS A 46 1.26 -38.82 -2.04
N ASP A 47 1.11 -39.82 -2.90
CA ASP A 47 2.05 -39.95 -4.01
C ASP A 47 1.87 -38.83 -5.01
N SER A 48 0.62 -38.48 -5.31
CA SER A 48 0.35 -37.33 -6.17
C SER A 48 0.96 -36.05 -5.59
N TYR A 49 0.83 -35.87 -4.28
CA TYR A 49 1.39 -34.70 -3.60
C TYR A 49 2.89 -34.60 -3.82
N LEU A 50 3.59 -35.73 -3.70
CA LEU A 50 5.03 -35.75 -3.96
C LEU A 50 5.34 -35.42 -5.41
N LEU A 51 4.56 -35.96 -6.34
CA LEU A 51 4.81 -35.67 -7.74
C LEU A 51 4.62 -34.19 -8.02
N TYR A 52 3.51 -33.63 -7.52
CA TYR A 52 3.26 -32.20 -7.68
C TYR A 52 4.42 -31.36 -7.15
N SER A 53 4.95 -31.73 -5.98
CA SER A 53 6.05 -30.97 -5.41
C SER A 53 7.32 -31.10 -6.24
N PHE A 54 7.59 -32.30 -6.76
CA PHE A 54 8.71 -32.50 -7.67
C PHE A 54 8.58 -31.62 -8.91
N ARG A 55 7.43 -31.67 -9.58
CA ARG A 55 7.29 -30.89 -10.80
C ARG A 55 7.41 -29.39 -10.52
N LEU A 56 6.99 -28.95 -9.33
CA LEU A 56 7.14 -27.54 -8.97
C LEU A 56 8.61 -27.14 -8.85
N ILE A 57 9.42 -27.94 -8.16
CA ILE A 57 10.83 -27.53 -8.02
C ILE A 57 11.60 -27.67 -9.32
N ASP A 58 11.13 -28.51 -10.25
CA ASP A 58 11.75 -28.53 -11.58
C ASP A 58 11.67 -27.16 -12.26
N LEU A 59 10.64 -26.37 -11.93
CA LEU A 59 10.41 -25.07 -12.58
C LEU A 59 11.38 -23.97 -12.13
N LEU A 60 12.08 -24.14 -11.01
CA LEU A 60 12.93 -23.05 -10.52
C LEU A 60 14.08 -22.76 -11.46
N ARG A 61 14.69 -23.80 -12.05
CA ARG A 61 15.84 -23.58 -12.93
C ARG A 61 15.47 -22.80 -14.19
N ALA A 62 14.20 -22.81 -14.58
CA ALA A 62 13.73 -22.10 -15.76
C ALA A 62 12.96 -20.84 -15.42
N SER A 63 13.00 -20.39 -14.18
CA SER A 63 12.17 -19.26 -13.78
C SER A 63 12.60 -18.00 -14.52
N LYS A 64 11.63 -17.33 -15.13
CA LYS A 64 11.90 -16.13 -15.91
C LYS A 64 11.90 -14.86 -15.08
N SER A 65 11.81 -14.95 -13.75
CA SER A 65 11.75 -13.76 -12.91
C SER A 65 12.06 -14.12 -11.46
N THR A 66 12.73 -13.20 -10.76
CA THR A 66 13.03 -13.43 -9.35
C THR A 66 11.74 -13.52 -8.52
N HIS A 67 10.67 -12.87 -8.95
CA HIS A 67 9.40 -13.02 -8.23
C HIS A 67 8.87 -14.45 -8.37
N LEU A 68 8.90 -14.98 -9.59
CA LEU A 68 8.48 -16.37 -9.78
C LEU A 68 9.38 -17.30 -8.97
N THR A 69 10.70 -17.07 -9.01
CA THR A 69 11.64 -17.87 -8.23
C THR A 69 11.32 -17.82 -6.74
N LYS A 70 11.07 -16.62 -6.21
CA LYS A 70 10.72 -16.50 -4.80
C LYS A 70 9.42 -17.24 -4.51
N LEU A 71 8.41 -17.06 -5.38
CA LEU A 71 7.14 -17.72 -5.16
C LEU A 71 7.28 -19.24 -5.19
N LEU A 72 7.96 -19.77 -6.22
CA LEU A 72 8.08 -21.23 -6.37
C LEU A 72 8.83 -21.85 -5.20
N SER A 73 9.92 -21.23 -4.77
CA SER A 73 10.75 -21.84 -3.73
C SER A 73 10.02 -21.85 -2.39
N SER A 74 9.27 -20.79 -2.09
CA SER A 74 8.53 -20.78 -0.82
C SER A 74 7.40 -21.81 -0.84
N GLN A 75 6.70 -21.93 -1.97
CA GLN A 75 5.61 -22.89 -2.05
C GLN A 75 6.12 -24.32 -1.90
N ALA A 76 7.23 -24.66 -2.58
CA ALA A 76 7.79 -26.00 -2.47
C ALA A 76 8.24 -26.27 -1.04
N THR A 77 8.87 -25.29 -0.40
CA THR A 77 9.27 -25.45 0.99
C THR A 77 8.05 -25.68 1.88
N TYR A 78 6.96 -24.93 1.64
CA TYR A 78 5.72 -25.15 2.39
C TYR A 78 5.15 -26.53 2.09
N LEU A 79 5.20 -26.95 0.83
CA LEU A 79 4.62 -28.23 0.46
C LEU A 79 5.29 -29.37 1.20
N TYR A 80 6.63 -29.38 1.23
CA TYR A 80 7.33 -30.44 1.94
C TYR A 80 7.15 -30.30 3.46
N HIS A 81 6.90 -29.09 3.94
CA HIS A 81 6.66 -28.88 5.37
C HIS A 81 5.42 -29.63 5.82
N PHE A 82 4.41 -29.76 4.97
CA PHE A 82 3.16 -30.42 5.33
C PHE A 82 3.14 -31.90 4.99
N ALA A 83 4.27 -32.48 4.55
CA ALA A 83 4.26 -33.85 4.07
C ALA A 83 4.44 -34.86 5.20
N CYS A 84 5.70 -35.23 5.48
CA CYS A 84 6.09 -36.15 6.56
C CYS A 84 5.16 -37.33 6.80
N ILE A 91 15.10 -31.83 11.42
CA ILE A 91 16.18 -32.01 10.45
C ILE A 91 15.62 -32.08 9.03
N GLN A 92 14.40 -32.58 8.89
CA GLN A 92 13.77 -32.62 7.57
C GLN A 92 13.72 -31.22 6.98
N LYS A 93 13.44 -30.22 7.81
CA LYS A 93 13.41 -28.84 7.34
C LYS A 93 14.74 -28.45 6.71
N TYR A 94 15.86 -28.82 7.34
CA TYR A 94 17.17 -28.41 6.82
C TYR A 94 17.54 -29.16 5.53
N GLU A 95 17.22 -30.46 5.46
CA GLU A 95 17.51 -31.18 4.22
C GLU A 95 16.62 -30.70 3.08
N VAL A 96 15.37 -30.34 3.38
CA VAL A 96 14.49 -29.76 2.37
C VAL A 96 15.07 -28.45 1.85
N GLN A 97 15.63 -27.64 2.74
CA GLN A 97 16.30 -26.42 2.30
C GLN A 97 17.42 -26.74 1.32
N GLN A 98 18.21 -27.77 1.63
CA GLN A 98 19.31 -28.21 0.77
C GLN A 98 18.79 -28.75 -0.57
N LEU A 99 17.67 -29.48 -0.54
CA LEU A 99 17.05 -29.93 -1.78
C LEU A 99 16.59 -28.73 -2.62
N ILE A 100 15.94 -27.76 -1.97
CA ILE A 100 15.42 -26.61 -2.70
C ILE A 100 16.55 -25.78 -3.27
N GLU A 101 17.63 -25.63 -2.51
CA GLU A 101 18.77 -24.87 -3.00
C GLU A 101 19.44 -25.58 -4.18
N TRP A 102 19.54 -26.91 -4.11
CA TRP A 102 20.02 -27.66 -5.25
C TRP A 102 19.15 -27.42 -6.48
N ALA A 103 17.83 -27.44 -6.30
CA ALA A 103 16.94 -27.24 -7.44
C ALA A 103 17.11 -25.85 -8.04
N ILE A 104 17.39 -24.85 -7.20
CA ILE A 104 17.56 -23.49 -7.69
C ILE A 104 18.80 -23.39 -8.59
N ASN A 105 19.85 -24.13 -8.25
CA ASN A 105 21.12 -24.06 -8.99
C ASN A 105 21.23 -25.09 -10.11
N ALA A 106 20.27 -25.99 -10.25
CA ALA A 106 20.35 -27.03 -11.28
C ALA A 106 20.33 -26.41 -12.68
N SER A 107 20.95 -27.09 -13.63
CA SER A 107 21.16 -26.48 -14.95
C SER A 107 19.82 -26.19 -15.64
N PRO A 108 19.60 -24.98 -16.13
CA PRO A 108 18.39 -24.73 -16.94
C PRO A 108 18.42 -25.42 -18.29
N ASP A 109 19.56 -25.94 -18.73
CA ASP A 109 19.62 -26.61 -20.03
C ASP A 109 19.27 -28.10 -19.96
N MET A 110 19.22 -28.69 -18.77
CA MET A 110 18.70 -30.04 -18.61
C MET A 110 17.26 -30.13 -19.08
N ASP A 111 16.83 -31.33 -19.51
CA ASP A 111 15.40 -31.56 -19.69
C ASP A 111 14.81 -32.19 -18.43
N LEU A 112 13.48 -32.38 -18.45
CA LEU A 112 12.77 -32.85 -17.26
C LEU A 112 13.26 -34.23 -16.84
N GLN A 113 13.47 -35.13 -17.81
CA GLN A 113 13.93 -36.47 -17.48
C GLN A 113 15.30 -36.45 -16.82
N GLN A 114 16.20 -35.55 -17.25
CA GLN A 114 17.49 -35.45 -16.60
C GLN A 114 17.38 -34.82 -15.22
N PHE A 115 16.52 -33.82 -15.08
CA PHE A 115 16.25 -33.28 -13.74
C PHE A 115 15.74 -34.38 -12.82
N ARG A 116 14.82 -35.21 -13.32
CA ARG A 116 14.29 -36.31 -12.52
C ARG A 116 15.39 -37.22 -12.02
N ILE A 117 16.38 -37.54 -12.86
CA ILE A 117 17.43 -38.45 -12.44
C ILE A 117 18.31 -37.81 -11.38
N GLU A 118 18.68 -36.55 -11.58
CA GLU A 118 19.49 -35.88 -10.56
C GLU A 118 18.69 -35.70 -9.28
N PHE A 119 17.39 -35.41 -9.39
CA PHE A 119 16.54 -35.28 -8.20
C PHE A 119 16.48 -36.60 -7.42
N MET A 120 16.38 -37.73 -8.12
CA MET A 120 16.33 -39.01 -7.41
C MET A 120 17.66 -39.27 -6.69
N ASP A 121 18.79 -38.89 -7.30
CA ASP A 121 20.07 -39.00 -6.59
C ASP A 121 20.15 -38.02 -5.43
N LYS A 122 19.79 -36.75 -5.67
CA LYS A 122 19.92 -35.75 -4.61
C LYS A 122 19.05 -36.08 -3.41
N THR A 123 17.83 -36.56 -3.63
CA THR A 123 16.98 -36.94 -2.50
C THR A 123 17.51 -38.19 -1.80
N THR A 124 18.13 -39.10 -2.54
CA THR A 124 18.79 -40.24 -1.88
C THR A 124 19.95 -39.75 -1.02
N GLU A 125 20.81 -38.90 -1.58
CA GLU A 125 21.98 -38.42 -0.85
C GLU A 125 21.60 -37.67 0.43
N LEU A 126 20.47 -36.94 0.42
CA LEU A 126 20.02 -36.15 1.55
C LEU A 126 19.13 -36.92 2.52
N ASN A 127 19.02 -38.24 2.37
CA ASN A 127 18.16 -39.06 3.22
C ASN A 127 16.71 -38.59 3.10
N LEU A 128 16.28 -38.37 1.87
CA LEU A 128 14.93 -37.88 1.58
C LEU A 128 14.21 -38.78 0.60
N ARG A 129 14.47 -40.09 0.71
CA ARG A 129 13.77 -41.05 -0.14
C ARG A 129 12.27 -40.90 -0.04
N SER A 130 11.77 -40.47 1.13
CA SER A 130 10.32 -40.34 1.32
C SER A 130 9.72 -39.21 0.49
N CYS A 131 10.54 -38.35 -0.09
CA CYS A 131 10.06 -37.32 -1.01
C CYS A 131 9.90 -37.84 -2.43
N GLN A 132 10.35 -39.05 -2.73
CA GLN A 132 10.40 -39.50 -4.10
C GLN A 132 9.05 -40.05 -4.53
N PRO A 133 8.45 -39.53 -5.60
CA PRO A 133 7.18 -40.09 -6.05
C PRO A 133 7.37 -41.50 -6.58
N LYS A 134 6.34 -42.32 -6.37
CA LYS A 134 6.30 -43.66 -6.94
C LYS A 134 5.94 -43.64 -8.41
N SER A 135 5.09 -42.70 -8.81
CA SER A 135 4.68 -42.55 -10.20
C SER A 135 4.91 -41.11 -10.64
N PHE A 136 5.31 -40.93 -11.89
CA PHE A 136 5.61 -39.62 -12.45
C PHE A 136 4.62 -39.17 -13.51
N THR A 137 3.56 -39.93 -13.77
CA THR A 137 2.57 -39.53 -14.75
C THR A 137 1.73 -38.40 -14.16
N TYR A 138 1.83 -37.22 -14.76
CA TYR A 138 1.28 -35.99 -14.19
C TYR A 138 0.01 -35.64 -14.94
N THR A 139 -1.12 -35.54 -14.22
CA THR A 139 -2.41 -35.24 -14.83
C THR A 139 -3.17 -34.27 -13.94
N PHE A 140 -4.39 -33.94 -14.37
CA PHE A 140 -5.30 -33.18 -13.51
C PHE A 140 -5.52 -33.88 -12.18
N THR A 141 -5.67 -35.22 -12.20
CA THR A 141 -5.79 -35.96 -10.95
C THR A 141 -4.66 -35.64 -9.97
N THR A 142 -3.44 -35.45 -10.50
CA THR A 142 -2.31 -35.07 -9.65
C THR A 142 -2.60 -33.78 -8.90
N ILE A 143 -3.19 -32.80 -9.59
CA ILE A 143 -3.47 -31.50 -8.96
C ILE A 143 -4.62 -31.64 -7.97
N TRP A 144 -5.73 -32.26 -8.39
CA TRP A 144 -6.86 -32.49 -7.48
C TRP A 144 -6.42 -33.24 -6.23
N ASP A 145 -5.69 -34.34 -6.43
CA ASP A 145 -5.16 -35.10 -5.28
C ASP A 145 -4.37 -34.20 -4.34
N THR A 146 -3.52 -33.33 -4.90
CA THR A 146 -2.73 -32.45 -4.04
C THR A 146 -3.63 -31.52 -3.23
N MET A 147 -4.65 -30.94 -3.87
CA MET A 147 -5.56 -30.04 -3.18
C MET A 147 -6.38 -30.79 -2.12
N HIS A 148 -6.90 -31.97 -2.45
CA HIS A 148 -7.64 -32.77 -1.47
C HIS A 148 -6.74 -33.21 -0.32
N PHE A 149 -5.49 -33.55 -0.63
CA PHE A 149 -4.53 -33.93 0.40
C PHE A 149 -4.33 -32.80 1.40
N LEU A 150 -4.09 -31.58 0.90
CA LEU A 150 -3.90 -30.42 1.77
C LEU A 150 -5.13 -30.16 2.64
N SER A 151 -6.34 -30.35 2.09
CA SER A 151 -7.57 -30.18 2.86
C SER A 151 -7.62 -31.17 4.03
N LEU A 152 -7.29 -32.44 3.76
CA LEU A 152 -7.24 -33.42 4.84
C LEU A 152 -6.24 -33.02 5.90
N ILE A 153 -5.11 -32.46 5.47
CA ILE A 153 -4.10 -32.01 6.42
C ILE A 153 -4.64 -30.90 7.30
N ILE A 154 -5.39 -29.97 6.71
CA ILE A 154 -6.00 -28.89 7.49
C ILE A 154 -6.95 -29.47 8.54
N ASP A 155 -7.83 -30.36 8.12
CA ASP A 155 -8.82 -30.92 9.02
C ASP A 155 -8.12 -31.64 10.18
N ASP A 156 -7.05 -32.35 9.87
CA ASP A 156 -6.36 -33.14 10.88
C ASP A 156 -5.63 -32.24 11.88
N MET A 157 -5.04 -31.14 11.40
CA MET A 157 -4.42 -30.19 12.32
C MET A 157 -5.44 -29.61 13.31
N VAL A 158 -6.64 -29.29 12.83
CA VAL A 158 -7.66 -28.76 13.72
C VAL A 158 -8.05 -29.81 14.76
N TYR A 159 -8.25 -31.05 14.31
CA TYR A 159 -8.71 -32.10 15.22
C TYR A 159 -7.68 -32.40 16.30
N THR A 160 -6.40 -32.50 15.93
CA THR A 160 -5.35 -32.82 16.90
C THR A 160 -4.77 -31.59 17.58
N ARG A 161 -5.41 -30.41 17.46
CA ARG A 161 -4.80 -29.17 17.90
C ARG A 161 -4.53 -29.19 19.40
N ASP A 162 -3.47 -28.49 19.80
CA ASP A 162 -3.24 -28.29 21.22
C ASP A 162 -4.12 -27.13 21.67
N LYS A 163 -5.16 -27.43 22.44
CA LYS A 163 -6.08 -26.44 22.96
C LYS A 163 -5.61 -25.91 24.31
N SER A 165 -1.09 -24.34 22.03
CA SER A 165 -0.48 -23.84 20.80
C SER A 165 -1.52 -23.68 19.70
N LEU A 166 -2.68 -23.09 20.05
CA LEU A 166 -3.62 -22.67 19.02
C LEU A 166 -3.00 -21.66 18.09
N ASP A 167 -1.98 -20.93 18.54
CA ASP A 167 -1.25 -20.03 17.66
C ASP A 167 -0.55 -20.80 16.56
N PHE A 168 -0.05 -22.00 16.87
CA PHE A 168 0.65 -22.79 15.86
C PHE A 168 -0.29 -23.15 14.71
N VAL A 169 -1.47 -23.69 15.03
CA VAL A 169 -2.38 -24.11 13.96
C VAL A 169 -2.89 -22.90 13.21
N MET A 170 -3.12 -21.78 13.91
CA MET A 170 -3.51 -20.54 13.23
C MET A 170 -2.42 -20.07 12.27
N GLN A 171 -1.15 -20.22 12.66
CA GLN A 171 -0.06 -19.89 11.75
C GLN A 171 -0.03 -20.84 10.56
N GLN A 172 -0.28 -22.13 10.79
CA GLN A 172 -0.29 -23.08 9.70
C GLN A 172 -1.40 -22.79 8.70
N LEU A 173 -2.57 -22.36 9.19
CA LEU A 173 -3.69 -22.08 8.30
C LEU A 173 -3.36 -20.94 7.36
N LYS A 174 -2.68 -19.91 7.86
CA LYS A 174 -2.23 -18.83 7.00
C LYS A 174 -1.29 -19.35 5.91
N THR A 175 -0.44 -20.33 6.24
CA THR A 175 0.39 -20.94 5.21
C THR A 175 -0.46 -21.68 4.17
N MET A 176 -1.50 -22.39 4.61
CA MET A 176 -2.39 -23.07 3.66
C MET A 176 -3.08 -22.10 2.72
N LYS A 177 -3.50 -20.95 3.24
CA LYS A 177 -4.11 -19.94 2.37
C LYS A 177 -3.15 -19.55 1.25
N VAL A 178 -1.87 -19.35 1.61
CA VAL A 178 -0.85 -19.04 0.60
C VAL A 178 -0.71 -20.17 -0.40
N LEU A 179 -0.81 -21.43 0.08
CA LEU A 179 -0.65 -22.55 -0.84
C LEU A 179 -1.80 -22.63 -1.84
N PHE A 180 -3.05 -22.41 -1.39
CA PHE A 180 -4.17 -22.50 -2.31
C PHE A 180 -4.24 -21.29 -3.24
N TYR A 181 -3.82 -20.12 -2.76
CA TYR A 181 -3.81 -18.93 -3.59
C TYR A 181 -2.90 -19.12 -4.81
N ASN A 182 -1.78 -19.80 -4.63
CA ASN A 182 -0.72 -19.90 -5.62
C ASN A 182 -0.60 -21.29 -6.23
N VAL A 183 -1.72 -21.99 -6.44
CA VAL A 183 -1.66 -23.31 -7.05
C VAL A 183 -1.20 -23.19 -8.49
N PHE A 184 -0.19 -23.98 -8.87
CA PHE A 184 0.32 -24.03 -10.24
C PHE A 184 -0.24 -25.24 -10.95
N PHE A 185 -0.70 -25.05 -12.18
CA PHE A 185 -1.18 -26.19 -12.95
C PHE A 185 -0.03 -26.99 -13.54
N ILE A 186 1.06 -26.30 -13.91
CA ILE A 186 2.25 -26.88 -14.52
C ILE A 186 1.91 -27.43 -15.89
N LEU A 187 0.92 -28.32 -15.97
CA LEU A 187 0.38 -28.67 -17.27
C LEU A 187 -0.32 -27.46 -17.87
N GLN A 188 -0.62 -27.56 -19.16
CA GLN A 188 -1.09 -26.40 -19.92
C GLN A 188 -2.62 -26.41 -19.96
N CYS A 189 -3.23 -25.45 -19.26
CA CYS A 189 -4.67 -25.23 -19.36
C CYS A 189 -4.93 -23.78 -18.94
N ALA A 190 -4.84 -22.87 -19.90
CA ALA A 190 -5.06 -21.45 -19.60
C ALA A 190 -6.49 -21.22 -19.13
N MET A 191 -7.45 -21.92 -19.72
CA MET A 191 -8.84 -21.78 -19.28
C MET A 191 -9.01 -22.24 -17.83
N CYS A 192 -8.41 -23.38 -17.46
CA CYS A 192 -8.42 -23.81 -16.07
C CYS A 192 -7.77 -22.78 -15.16
N ARG A 193 -6.63 -22.24 -15.58
CA ARG A 193 -5.93 -21.25 -14.75
C ARG A 193 -6.79 -20.03 -14.52
N ASP A 194 -7.40 -19.51 -15.58
CA ASP A 194 -8.27 -18.35 -15.43
C ASP A 194 -9.46 -18.66 -14.53
N HIS A 195 -10.04 -19.86 -14.66
CA HIS A 195 -11.18 -20.22 -13.82
C HIS A 195 -10.78 -20.29 -12.35
N TYR A 196 -9.72 -21.05 -12.06
CA TYR A 196 -9.26 -21.15 -10.67
C TYR A 196 -8.97 -19.78 -10.08
N MET A 197 -8.32 -18.91 -10.85
CA MET A 197 -8.05 -17.55 -10.38
C MET A 197 -9.33 -16.87 -9.94
N ASN A 198 -10.45 -17.18 -10.58
CA ASN A 198 -11.71 -16.51 -10.26
C ASN A 198 -12.35 -17.07 -8.99
N VAL A 199 -12.32 -18.38 -8.79
CA VAL A 199 -13.11 -18.99 -7.71
C VAL A 199 -12.28 -19.63 -6.60
N LYS A 200 -10.95 -19.53 -6.63
CA LYS A 200 -10.13 -20.12 -5.57
C LYS A 200 -10.49 -19.57 -4.18
N GLY A 201 -11.00 -18.35 -4.12
CA GLY A 201 -11.40 -17.77 -2.85
C GLY A 201 -12.49 -18.53 -2.12
N PHE A 202 -13.28 -19.35 -2.84
CA PHE A 202 -14.24 -20.20 -2.15
C PHE A 202 -13.55 -21.11 -1.15
N ILE A 203 -12.42 -21.71 -1.54
CA ILE A 203 -11.66 -22.56 -0.63
C ILE A 203 -11.04 -21.73 0.49
N ILE A 204 -10.32 -20.66 0.11
CA ILE A 204 -9.60 -19.84 1.08
C ILE A 204 -10.54 -19.24 2.10
N TYR A 205 -11.75 -18.84 1.67
CA TYR A 205 -12.75 -18.31 2.60
C TYR A 205 -13.01 -19.28 3.73
N HIS A 206 -13.14 -20.56 3.41
CA HIS A 206 -13.46 -21.54 4.44
C HIS A 206 -12.28 -21.78 5.38
N ILE A 207 -11.04 -21.63 4.90
CA ILE A 207 -9.89 -21.63 5.81
C ILE A 207 -9.99 -20.48 6.81
N GLU A 208 -10.46 -19.32 6.34
CA GLU A 208 -10.65 -18.18 7.24
C GLU A 208 -11.76 -18.45 8.26
N LEU A 209 -12.81 -19.19 7.88
CA LEU A 209 -13.82 -19.58 8.87
C LEU A 209 -13.20 -20.41 9.99
N ILE A 210 -12.23 -21.28 9.63
CA ILE A 210 -11.57 -22.06 10.66
C ILE A 210 -10.71 -21.16 11.54
N GLU A 211 -9.97 -20.22 10.94
CA GLU A 211 -9.20 -19.25 11.73
C GLU A 211 -10.10 -18.50 12.71
N ILE A 212 -11.28 -18.09 12.25
CA ILE A 212 -12.18 -17.33 13.11
C ILE A 212 -12.64 -18.21 14.28
N ALA A 213 -12.93 -19.47 14.00
CA ALA A 213 -13.36 -20.40 15.04
C ALA A 213 -12.25 -20.64 16.06
N LEU A 214 -11.00 -20.76 15.60
CA LEU A 214 -9.89 -20.92 16.53
C LEU A 214 -9.63 -19.64 17.31
N ASP A 215 -9.82 -18.49 16.69
CA ASP A 215 -9.72 -17.23 17.42
C ASP A 215 -10.75 -17.17 18.53
N LYS A 216 -11.99 -17.57 18.24
CA LYS A 216 -13.01 -17.62 19.28
C LYS A 216 -12.62 -18.57 20.41
N GLU A 217 -12.09 -19.75 20.06
CA GLU A 217 -11.71 -20.72 21.09
C GLU A 217 -10.58 -20.18 21.95
N LYS A 218 -9.62 -19.49 21.32
CA LYS A 218 -8.55 -18.83 22.08
C LYS A 218 -9.11 -17.93 23.16
N TYR A 219 -10.28 -17.31 22.93
CA TYR A 219 -10.81 -16.27 23.81
C TYR A 219 -12.02 -16.73 24.61
N GLY A 220 -12.23 -18.03 24.76
CA GLY A 220 -13.17 -18.56 25.74
C GLY A 220 -14.32 -19.38 25.20
N THR A 221 -14.65 -19.29 23.91
CA THR A 221 -15.76 -20.06 23.35
C THR A 221 -15.20 -21.25 22.58
N ASP A 222 -15.31 -22.44 23.15
CA ASP A 222 -14.77 -23.62 22.48
C ASP A 222 -15.52 -23.90 21.18
N ILE A 223 -14.84 -24.59 20.27
CA ILE A 223 -15.47 -25.02 19.03
C ILE A 223 -16.44 -26.16 19.33
N THR A 224 -17.66 -26.05 18.82
CA THR A 224 -18.56 -27.18 18.77
C THR A 224 -18.49 -27.78 17.36
N PHE A 225 -18.20 -29.07 17.28
CA PHE A 225 -18.12 -29.71 15.99
C PHE A 225 -19.47 -30.28 15.61
N VAL A 226 -19.84 -30.14 14.34
CA VAL A 226 -21.11 -30.63 13.82
C VAL A 226 -20.84 -31.55 12.64
N ASP A 227 -21.88 -32.30 12.27
CA ASP A 227 -21.77 -33.36 11.29
C ASP A 227 -22.05 -32.93 9.86
N SER A 228 -22.64 -31.76 9.64
CA SER A 228 -22.95 -31.38 8.27
C SER A 228 -22.64 -29.91 8.04
N TYR A 229 -22.33 -29.61 6.78
CA TYR A 229 -22.11 -28.24 6.36
C TYR A 229 -23.32 -27.35 6.67
N GLN A 230 -24.52 -27.87 6.43
CA GLN A 230 -25.75 -27.12 6.65
C GLN A 230 -25.91 -26.73 8.12
N GLN A 231 -25.59 -27.65 9.03
CA GLN A 231 -25.59 -27.28 10.45
C GLN A 231 -24.64 -26.13 10.72
N GLU A 232 -23.45 -26.15 10.11
CA GLU A 232 -22.50 -25.06 10.31
C GLU A 232 -23.03 -23.76 9.74
N THR A 233 -23.52 -23.76 8.50
CA THR A 233 -23.97 -22.49 7.93
C THR A 233 -25.19 -21.95 8.67
N ALA A 234 -26.09 -22.83 9.11
CA ALA A 234 -27.26 -22.40 9.87
C ALA A 234 -26.87 -21.80 11.22
N GLY A 235 -25.93 -22.43 11.93
CA GLY A 235 -25.46 -21.88 13.20
C GLY A 235 -24.73 -20.57 13.07
N ALA A 236 -24.16 -20.28 11.90
CA ALA A 236 -23.47 -19.01 11.70
C ALA A 236 -24.42 -17.81 11.68
N ASP A 237 -25.72 -18.07 11.52
CA ASP A 237 -26.73 -17.03 11.39
C ASP A 237 -27.48 -16.78 12.70
N VAL A 238 -27.05 -17.38 13.80
CA VAL A 238 -27.68 -17.16 15.09
C VAL A 238 -26.97 -16.04 15.84
N VAL A 241 -26.88 -14.40 20.25
CA VAL A 241 -26.15 -15.56 20.75
C VAL A 241 -24.72 -15.54 20.23
N SER A 242 -23.98 -16.60 20.49
CA SER A 242 -22.63 -16.72 19.97
C SER A 242 -22.17 -18.17 19.96
N ASN A 243 -22.56 -18.91 18.94
CA ASN A 243 -22.11 -20.28 18.76
C ASN A 243 -20.80 -20.30 18.00
N ASN A 244 -19.98 -21.31 18.27
CA ASN A 244 -18.74 -21.51 17.53
C ASN A 244 -18.76 -22.85 16.82
N MET A 245 -19.65 -23.01 15.85
CA MET A 245 -19.88 -24.30 15.24
C MET A 245 -18.98 -24.48 14.03
N LEU A 246 -18.35 -25.65 13.94
CA LEU A 246 -17.52 -26.00 12.80
C LEU A 246 -17.87 -27.40 12.36
N MET A 247 -17.96 -27.60 11.05
CA MET A 247 -18.21 -28.93 10.53
C MET A 247 -16.98 -29.80 10.69
N LYS A 248 -17.18 -31.04 11.13
CA LYS A 248 -16.11 -32.02 11.14
C LYS A 248 -15.71 -32.35 9.71
N ASN A 249 -14.40 -32.40 9.46
CA ASN A 249 -13.85 -32.61 8.12
C ASN A 249 -14.32 -31.54 7.11
N LEU A 250 -14.36 -30.27 7.54
CA LEU A 250 -14.89 -29.19 6.70
C LEU A 250 -14.14 -29.07 5.37
N MET A 251 -12.80 -29.08 5.40
CA MET A 251 -12.07 -28.85 4.17
C MET A 251 -12.18 -30.04 3.21
N ALA A 252 -12.33 -31.25 3.73
CA ALA A 252 -12.63 -32.37 2.85
C ALA A 252 -13.92 -32.14 2.11
N TYR A 253 -14.96 -31.66 2.83
CA TYR A 253 -16.22 -31.36 2.17
C TYR A 253 -16.11 -30.17 1.23
N VAL A 254 -15.36 -29.13 1.63
CA VAL A 254 -15.22 -27.93 0.80
C VAL A 254 -14.52 -28.26 -0.51
N SER A 255 -13.36 -28.92 -0.43
CA SER A 255 -12.61 -29.28 -1.64
C SER A 255 -13.41 -30.26 -2.49
N MET A 256 -14.11 -31.20 -1.87
CA MET A 256 -14.95 -32.09 -2.64
C MET A 256 -16.02 -31.31 -3.40
N THR A 257 -16.69 -30.38 -2.72
CA THR A 257 -17.76 -29.62 -3.34
C THR A 257 -17.23 -28.74 -4.46
N PHE A 258 -16.10 -28.07 -4.20
CA PHE A 258 -15.41 -27.28 -5.22
C PHE A 258 -15.08 -28.13 -6.44
N HIS A 259 -14.52 -29.32 -6.21
CA HIS A 259 -14.17 -30.22 -7.30
C HIS A 259 -15.39 -30.53 -8.16
N ASN A 260 -16.54 -30.81 -7.53
CA ASN A 260 -17.77 -31.05 -8.29
C ASN A 260 -18.19 -29.82 -9.09
N ASP A 261 -18.07 -28.63 -8.49
CA ASP A 261 -18.54 -27.45 -9.19
C ASP A 261 -17.70 -27.17 -10.43
N ILE A 262 -16.38 -27.34 -10.31
CA ILE A 262 -15.50 -27.19 -11.48
C ILE A 262 -15.95 -28.12 -12.59
N ASN A 263 -16.19 -29.39 -12.26
CA ASN A 263 -16.61 -30.36 -13.28
C ASN A 263 -18.01 -30.07 -13.80
N ASP A 264 -18.91 -29.54 -12.96
CA ASP A 264 -20.21 -29.11 -13.46
C ASP A 264 -20.05 -27.96 -14.46
N TYR A 265 -19.20 -26.98 -14.13
CA TYR A 265 -19.07 -25.78 -14.94
C TYR A 265 -18.41 -26.06 -16.29
N LYS A 266 -17.56 -27.07 -16.37
CA LYS A 266 -16.86 -27.29 -17.62
C LYS A 266 -17.83 -27.59 -18.74
N TRP A 267 -19.01 -28.16 -18.42
CA TRP A 267 -20.00 -28.37 -19.46
C TRP A 267 -20.54 -27.05 -20.00
N ILE A 268 -20.57 -26.01 -19.15
CA ILE A 268 -20.86 -24.67 -19.64
C ILE A 268 -19.74 -24.17 -20.54
N GLN A 269 -18.50 -24.44 -20.14
CA GLN A 269 -17.36 -23.98 -20.93
C GLN A 269 -17.32 -24.65 -22.30
N ARG A 270 -17.83 -25.87 -22.42
CA ARG A 270 -17.83 -26.58 -23.70
C ARG A 270 -19.10 -26.39 -24.53
N ASN A 271 -20.11 -25.68 -24.01
CA ASN A 271 -21.44 -25.65 -24.63
C ASN A 271 -21.94 -27.06 -24.90
N LYS A 272 -21.78 -27.92 -23.91
CA LYS A 272 -22.24 -29.31 -23.96
C LYS A 272 -23.28 -29.53 -22.87
N LYS A 273 -24.18 -30.48 -23.10
CA LYS A 273 -25.03 -30.91 -22.01
C LYS A 273 -24.35 -32.04 -21.23
N PRO A 274 -24.44 -32.04 -19.91
CA PRO A 274 -23.77 -33.09 -19.11
C PRO A 274 -24.26 -34.47 -19.50
N PRO A 275 -23.33 -35.44 -19.67
CA PRO A 275 -23.55 -36.81 -20.18
C PRO A 275 -24.69 -37.58 -19.50
N TYR A 278 -23.65 -39.78 -15.82
CA TYR A 278 -22.84 -38.76 -15.16
C TYR A 278 -22.99 -38.85 -13.64
N GLU A 279 -22.00 -39.43 -12.96
CA GLU A 279 -22.09 -39.73 -11.53
C GLU A 279 -21.18 -38.78 -10.76
N ARG A 280 -21.77 -37.76 -10.14
CA ARG A 280 -21.01 -36.84 -9.31
C ARG A 280 -20.64 -37.51 -7.99
N MET A 281 -19.57 -37.01 -7.38
CA MET A 281 -19.12 -37.52 -6.10
C MET A 281 -20.02 -36.97 -4.99
N THR A 282 -20.47 -37.85 -4.09
CA THR A 282 -21.32 -37.48 -2.95
C THR A 282 -20.53 -37.54 -1.64
N TRP A 283 -20.93 -36.68 -0.69
CA TRP A 283 -20.19 -36.58 0.57
C TRP A 283 -20.18 -37.90 1.33
N GLY A 284 -21.30 -38.62 1.34
CA GLY A 284 -21.29 -39.96 1.94
C GLY A 284 -20.28 -40.88 1.27
N GLU A 285 -20.31 -40.98 -0.06
CA GLU A 285 -19.38 -41.84 -0.76
C GLU A 285 -17.94 -41.40 -0.53
N TYR A 286 -17.70 -40.09 -0.45
CA TYR A 286 -16.35 -39.59 -0.27
C TYR A 286 -15.81 -39.93 1.10
N LYS A 287 -16.61 -39.72 2.16
CA LYS A 287 -16.18 -40.09 3.51
C LYS A 287 -15.84 -41.58 3.58
N LYS A 288 -16.59 -42.40 2.86
CA LYS A 288 -16.33 -43.84 2.86
C LYS A 288 -14.96 -44.14 2.25
N LEU A 289 -14.65 -43.52 1.10
CA LEU A 289 -13.38 -43.77 0.42
C LEU A 289 -12.19 -43.39 1.29
N LEU A 290 -12.35 -42.36 2.12
CA LEU A 290 -11.25 -41.90 2.97
C LEU A 290 -11.38 -42.37 4.41
N ASN A 291 -12.38 -43.21 4.72
CA ASN A 291 -12.67 -43.64 6.10
C ASN A 291 -12.67 -42.47 7.07
N LEU A 292 -13.41 -41.42 6.69
CA LEU A 292 -13.60 -40.25 7.55
C LEU A 292 -14.78 -40.49 8.49
N GLN A 293 -14.59 -40.19 9.76
CA GLN A 293 -15.67 -40.31 10.74
C GLN A 293 -16.16 -38.92 11.21
N ARG B 32 26.72 -5.27 -11.45
CA ARG B 32 26.47 -6.50 -10.72
C ARG B 32 27.15 -6.49 -9.33
N GLY B 33 28.47 -6.68 -9.28
CA GLY B 33 29.18 -6.53 -8.03
C GLY B 33 28.96 -5.15 -7.43
N SER B 34 29.04 -5.08 -6.10
CA SER B 34 28.96 -3.82 -5.37
C SER B 34 30.34 -3.19 -5.35
N MET B 35 30.44 -1.96 -5.84
CA MET B 35 31.72 -1.31 -6.06
C MET B 35 32.10 -0.30 -4.98
N ILE B 36 31.44 -0.34 -3.83
CA ILE B 36 31.82 0.55 -2.73
C ILE B 36 33.20 0.14 -2.21
N PRO B 37 34.15 1.07 -2.09
CA PRO B 37 35.49 0.69 -1.64
C PRO B 37 35.46 0.15 -0.22
N LEU B 38 36.37 -0.80 0.04
CA LEU B 38 36.52 -1.35 1.38
C LEU B 38 37.40 -0.41 2.21
N THR B 39 36.88 0.01 3.38
CA THR B 39 37.60 0.85 4.32
C THR B 39 37.15 0.44 5.71
N PRO B 40 37.91 0.79 6.76
CA PRO B 40 37.42 0.51 8.11
C PRO B 40 36.07 1.13 8.41
N LEU B 41 35.83 2.36 7.97
CA LEU B 41 34.55 3.00 8.25
C LEU B 41 33.41 2.24 7.59
N PHE B 42 33.58 1.84 6.33
CA PHE B 42 32.52 1.12 5.63
C PHE B 42 32.23 -0.22 6.30
N SER B 43 33.28 -0.89 6.80
CA SER B 43 33.07 -2.12 7.58
C SER B 43 32.18 -1.87 8.79
N ARG B 44 32.42 -0.79 9.53
CA ARG B 44 31.54 -0.46 10.65
C ARG B 44 30.11 -0.18 10.16
N TYR B 45 29.98 0.50 9.01
CA TYR B 45 28.65 0.76 8.45
C TYR B 45 27.89 -0.52 8.18
N LYS B 46 28.58 -1.49 7.54
CA LYS B 46 27.93 -2.76 7.22
C LYS B 46 27.48 -3.49 8.46
N ASP B 47 28.32 -3.52 9.50
CA ASP B 47 27.95 -4.20 10.74
C ASP B 47 26.78 -3.49 11.44
N SER B 48 26.81 -2.15 11.49
CA SER B 48 25.67 -1.41 12.03
C SER B 48 24.40 -1.72 11.25
N TYR B 49 24.53 -1.84 9.93
CA TYR B 49 23.40 -2.15 9.06
C TYR B 49 22.81 -3.51 9.39
N LEU B 50 23.67 -4.50 9.61
CA LEU B 50 23.19 -5.82 10.00
C LEU B 50 22.47 -5.77 11.33
N LEU B 51 22.99 -4.97 12.28
CA LEU B 51 22.31 -4.81 13.57
C LEU B 51 20.95 -4.13 13.40
N TYR B 52 20.93 -3.04 12.63
CA TYR B 52 19.67 -2.37 12.33
C TYR B 52 18.66 -3.33 11.73
N SER B 53 19.09 -4.10 10.73
CA SER B 53 18.23 -5.09 10.11
C SER B 53 17.80 -6.15 11.10
N PHE B 54 18.72 -6.61 11.96
CA PHE B 54 18.35 -7.61 12.95
C PHE B 54 17.25 -7.08 13.86
N ARG B 55 17.38 -5.84 14.34
CA ARG B 55 16.37 -5.36 15.26
C ARG B 55 15.02 -5.15 14.56
N LEU B 56 15.01 -4.83 13.27
CA LEU B 56 13.73 -4.73 12.57
C LEU B 56 13.08 -6.11 12.39
N ILE B 57 13.90 -7.13 12.10
CA ILE B 57 13.42 -8.50 12.04
C ILE B 57 12.84 -8.93 13.39
N ASP B 58 13.43 -8.48 14.49
CA ASP B 58 12.87 -8.79 15.80
C ASP B 58 11.53 -8.09 16.03
N LEU B 59 11.40 -6.85 15.54
CA LEU B 59 10.12 -6.16 15.58
C LEU B 59 9.06 -6.92 14.81
N LEU B 60 9.45 -7.45 13.64
CA LEU B 60 8.52 -8.19 12.79
C LEU B 60 8.01 -9.43 13.51
N ARG B 61 8.92 -10.14 14.20
CA ARG B 61 8.49 -11.28 14.99
C ARG B 61 7.49 -10.87 16.06
N ALA B 62 7.78 -9.77 16.78
CA ALA B 62 6.96 -9.38 17.92
C ALA B 62 5.62 -8.81 17.49
N SER B 63 5.51 -8.32 16.26
CA SER B 63 4.27 -7.69 15.82
C SER B 63 3.13 -8.71 15.80
N LYS B 64 1.96 -8.29 16.25
CA LYS B 64 0.80 -9.17 16.32
C LYS B 64 -0.32 -8.69 15.43
N SER B 65 -0.08 -7.65 14.62
CA SER B 65 -1.11 -7.07 13.79
C SER B 65 -0.72 -7.19 12.33
N THR B 66 -1.68 -7.60 11.51
CA THR B 66 -1.49 -7.86 10.09
C THR B 66 -0.77 -6.72 9.38
N HIS B 67 -1.30 -5.50 9.56
CA HIS B 67 -0.84 -4.39 8.75
C HIS B 67 0.60 -4.01 9.10
N LEU B 68 0.91 -3.91 10.39
CA LEU B 68 2.29 -3.61 10.79
C LEU B 68 3.23 -4.75 10.37
N THR B 69 2.77 -6.00 10.50
CA THR B 69 3.57 -7.14 10.06
C THR B 69 3.92 -7.03 8.57
N LYS B 70 2.95 -6.61 7.75
CA LYS B 70 3.23 -6.46 6.32
C LYS B 70 4.20 -5.31 6.06
N LEU B 71 4.06 -4.20 6.78
CA LEU B 71 5.03 -3.10 6.66
C LEU B 71 6.44 -3.57 6.99
N LEU B 72 6.61 -4.23 8.14
CA LEU B 72 7.95 -4.63 8.55
C LEU B 72 8.52 -5.72 7.66
N SER B 73 7.66 -6.62 7.19
CA SER B 73 8.10 -7.63 6.24
C SER B 73 8.70 -6.99 4.99
N SER B 74 8.04 -5.96 4.47
CA SER B 74 8.58 -5.26 3.30
C SER B 74 9.95 -4.66 3.60
N GLN B 75 10.08 -3.98 4.74
CA GLN B 75 11.37 -3.35 5.05
C GLN B 75 12.48 -4.39 5.19
N ALA B 76 12.20 -5.48 5.92
CA ALA B 76 13.20 -6.54 6.10
C ALA B 76 13.65 -7.09 4.75
N THR B 77 12.70 -7.39 3.86
CA THR B 77 13.03 -7.85 2.52
C THR B 77 13.91 -6.84 1.79
N TYR B 78 13.53 -5.55 1.85
CA TYR B 78 14.36 -4.52 1.22
C TYR B 78 15.74 -4.45 1.87
N LEU B 79 15.78 -4.48 3.21
CA LEU B 79 17.04 -4.32 3.92
C LEU B 79 18.06 -5.39 3.51
N TYR B 80 17.69 -6.66 3.60
CA TYR B 80 18.66 -7.71 3.30
C TYR B 80 18.98 -7.78 1.82
N HIS B 81 18.04 -7.39 0.97
CA HIS B 81 18.34 -7.33 -0.44
C HIS B 81 19.42 -6.29 -0.73
N PHE B 82 19.53 -5.23 0.09
CA PHE B 82 20.47 -4.15 -0.16
C PHE B 82 21.83 -4.38 0.50
N ALA B 83 22.20 -5.62 0.81
CA ALA B 83 23.56 -5.86 1.28
C ALA B 83 24.57 -5.61 0.14
N CYS B 84 25.79 -5.26 0.55
CA CYS B 84 26.91 -5.06 -0.35
C CYS B 84 27.62 -6.42 -0.43
N LEU B 85 27.59 -7.04 -1.60
CA LEU B 85 28.16 -8.39 -1.75
C LEU B 85 29.08 -8.45 -2.97
N LYS B 89 23.61 -14.23 -5.45
CA LYS B 89 23.12 -15.48 -6.00
C LYS B 89 21.68 -15.75 -5.55
N ASP B 90 20.95 -16.55 -6.33
CA ASP B 90 19.54 -16.79 -6.06
C ASP B 90 19.32 -17.63 -4.80
N ILE B 91 20.26 -18.52 -4.49
CA ILE B 91 20.18 -19.26 -3.23
C ILE B 91 20.15 -18.29 -2.05
N GLN B 92 20.87 -17.17 -2.16
CA GLN B 92 20.87 -16.18 -1.09
C GLN B 92 19.48 -15.59 -0.87
N LYS B 93 18.78 -15.24 -1.96
CA LYS B 93 17.44 -14.66 -1.80
C LYS B 93 16.49 -15.69 -1.21
N TYR B 94 16.64 -16.96 -1.58
CA TYR B 94 15.83 -18.01 -0.95
C TYR B 94 16.08 -18.08 0.55
N GLU B 95 17.34 -18.08 0.96
CA GLU B 95 17.67 -18.19 2.38
C GLU B 95 17.18 -16.96 3.14
N VAL B 96 17.33 -15.78 2.55
CA VAL B 96 16.77 -14.56 3.14
C VAL B 96 15.27 -14.70 3.28
N GLN B 97 14.59 -15.22 2.24
CA GLN B 97 13.15 -15.42 2.33
C GLN B 97 12.79 -16.37 3.48
N GLN B 98 13.54 -17.47 3.62
CA GLN B 98 13.29 -18.38 4.74
C GLN B 98 13.49 -17.68 6.08
N LEU B 99 14.50 -16.81 6.18
CA LEU B 99 14.76 -16.12 7.44
C LEU B 99 13.57 -15.25 7.82
N ILE B 100 13.05 -14.48 6.86
CA ILE B 100 11.93 -13.59 7.14
C ILE B 100 10.69 -14.40 7.52
N GLU B 101 10.39 -15.47 6.78
CA GLU B 101 9.22 -16.28 7.14
C GLU B 101 9.38 -16.88 8.53
N TRP B 102 10.58 -17.34 8.87
CA TRP B 102 10.78 -17.88 10.22
C TRP B 102 10.60 -16.80 11.27
N ALA B 103 11.09 -15.58 11.01
CA ALA B 103 10.87 -14.50 11.98
C ALA B 103 9.39 -14.22 12.13
N ILE B 104 8.62 -14.31 11.05
CA ILE B 104 7.18 -14.07 11.13
C ILE B 104 6.51 -15.14 11.98
N ASN B 105 6.93 -16.41 11.84
CA ASN B 105 6.36 -17.49 12.62
C ASN B 105 6.99 -17.64 14.00
N ALA B 106 8.05 -16.89 14.29
CA ALA B 106 8.65 -16.95 15.62
C ALA B 106 7.68 -16.44 16.67
N SER B 107 7.84 -16.95 17.89
CA SER B 107 6.86 -16.66 18.93
C SER B 107 6.91 -15.19 19.31
N PRO B 108 5.76 -14.49 19.35
CA PRO B 108 5.78 -13.07 19.68
C PRO B 108 6.06 -12.79 21.14
N ASP B 109 6.15 -13.81 22.00
CA ASP B 109 6.24 -13.60 23.43
C ASP B 109 7.63 -13.89 23.98
N MET B 110 8.61 -14.18 23.12
CA MET B 110 9.98 -14.28 23.59
C MET B 110 10.60 -12.89 23.68
N ASP B 111 11.59 -12.76 24.55
CA ASP B 111 12.28 -11.49 24.72
C ASP B 111 13.34 -11.29 23.65
N LEU B 112 14.01 -10.14 23.69
CA LEU B 112 15.01 -9.81 22.67
C LEU B 112 16.23 -10.72 22.78
N GLN B 113 16.67 -11.00 24.01
CA GLN B 113 17.86 -11.82 24.18
C GLN B 113 17.63 -13.24 23.69
N GLN B 114 16.46 -13.80 23.96
CA GLN B 114 16.14 -15.11 23.40
C GLN B 114 16.07 -15.05 21.88
N PHE B 115 15.46 -13.99 21.33
CA PHE B 115 15.37 -13.94 19.87
C PHE B 115 16.76 -13.84 19.23
N ARG B 116 17.69 -13.12 19.88
CA ARG B 116 19.03 -13.03 19.33
C ARG B 116 19.68 -14.40 19.19
N ILE B 117 19.50 -15.26 20.19
CA ILE B 117 20.06 -16.61 20.16
C ILE B 117 19.49 -17.40 18.99
N GLU B 118 18.15 -17.43 18.88
CA GLU B 118 17.54 -18.19 17.79
C GLU B 118 17.92 -17.61 16.43
N PHE B 119 17.93 -16.29 16.30
CA PHE B 119 18.31 -15.66 15.04
C PHE B 119 19.72 -16.08 14.64
N MET B 120 20.66 -16.06 15.59
CA MET B 120 22.02 -16.49 15.30
C MET B 120 22.04 -17.94 14.82
N ASP B 121 21.32 -18.82 15.52
CA ASP B 121 21.16 -20.20 15.08
C ASP B 121 20.57 -20.26 13.68
N LYS B 122 19.44 -19.57 13.47
CA LYS B 122 18.73 -19.70 12.20
C LYS B 122 19.55 -19.18 11.04
N THR B 123 20.32 -18.10 11.24
CA THR B 123 21.15 -17.60 10.16
C THR B 123 22.33 -18.53 9.91
N THR B 124 22.87 -19.16 10.96
CA THR B 124 23.88 -20.20 10.75
C THR B 124 23.28 -21.34 9.93
N GLU B 125 22.10 -21.81 10.33
CA GLU B 125 21.43 -22.90 9.63
C GLU B 125 21.18 -22.58 8.17
N LEU B 126 21.01 -21.30 7.83
CA LEU B 126 20.69 -20.88 6.48
C LEU B 126 21.92 -20.48 5.67
N ASN B 127 23.12 -20.70 6.20
CA ASN B 127 24.37 -20.28 5.53
C ASN B 127 24.41 -18.76 5.38
N LEU B 128 23.75 -18.04 6.30
CA LEU B 128 23.73 -16.58 6.27
C LEU B 128 24.59 -15.99 7.38
N ARG B 129 25.80 -16.53 7.56
CA ARG B 129 26.77 -15.88 8.44
C ARG B 129 26.99 -14.42 8.03
N SER B 130 26.80 -14.12 6.76
CA SER B 130 26.92 -12.75 6.24
C SER B 130 25.87 -11.81 6.82
N CYS B 131 24.82 -12.33 7.44
CA CYS B 131 23.74 -11.48 7.97
C CYS B 131 23.85 -11.25 9.46
N GLN B 132 24.86 -11.82 10.12
CA GLN B 132 25.00 -11.79 11.57
C GLN B 132 25.80 -10.56 11.98
N PRO B 133 25.24 -9.65 12.78
CA PRO B 133 26.04 -8.53 13.28
C PRO B 133 27.14 -9.02 14.20
N LYS B 134 28.27 -8.32 14.17
CA LYS B 134 29.33 -8.61 15.13
C LYS B 134 29.08 -7.96 16.48
N SER B 135 28.41 -6.82 16.53
CA SER B 135 28.07 -6.16 17.78
C SER B 135 26.57 -5.93 17.84
N PHE B 136 25.99 -6.11 19.02
CA PHE B 136 24.56 -5.95 19.21
C PHE B 136 24.19 -4.71 20.02
N THR B 137 25.16 -3.82 20.23
CA THR B 137 24.92 -2.59 20.98
C THR B 137 24.33 -1.55 20.03
N TYR B 138 23.06 -1.24 20.24
CA TYR B 138 22.29 -0.39 19.33
C TYR B 138 22.28 1.02 19.88
N THR B 139 22.78 1.98 19.09
CA THR B 139 22.87 3.37 19.51
C THR B 139 22.40 4.27 18.37
N PHE B 140 22.47 5.57 18.64
CA PHE B 140 22.27 6.55 17.58
C PHE B 140 23.22 6.29 16.41
N THR B 141 24.46 5.87 16.72
CA THR B 141 25.43 5.60 15.67
C THR B 141 25.04 4.42 14.79
N THR B 142 24.36 3.41 15.37
CA THR B 142 23.80 2.34 14.56
C THR B 142 22.90 2.88 13.45
N ILE B 143 22.02 3.83 13.80
CA ILE B 143 21.09 4.39 12.82
C ILE B 143 21.83 5.25 11.80
N TRP B 144 22.73 6.13 12.29
CA TRP B 144 23.47 6.98 11.37
C TRP B 144 24.25 6.15 10.36
N ASP B 145 24.98 5.15 10.86
CA ASP B 145 25.73 4.25 10.00
C ASP B 145 24.83 3.60 8.96
N THR B 146 23.61 3.21 9.36
CA THR B 146 22.69 2.58 8.41
C THR B 146 22.27 3.55 7.31
N MET B 147 21.95 4.79 7.68
CA MET B 147 21.59 5.79 6.68
C MET B 147 22.76 6.11 5.75
N HIS B 148 23.97 6.16 6.29
CA HIS B 148 25.14 6.40 5.44
C HIS B 148 25.43 5.20 4.57
N PHE B 149 25.18 3.98 5.09
CA PHE B 149 25.34 2.77 4.29
C PHE B 149 24.38 2.76 3.09
N LEU B 150 23.08 2.90 3.37
CA LEU B 150 22.10 2.94 2.29
C LEU B 150 22.43 4.04 1.28
N SER B 151 23.00 5.16 1.75
CA SER B 151 23.37 6.24 0.84
C SER B 151 24.46 5.79 -0.13
N LEU B 152 25.47 5.10 0.39
CA LEU B 152 26.51 4.56 -0.48
C LEU B 152 25.95 3.50 -1.42
N ILE B 153 24.95 2.72 -0.97
CA ILE B 153 24.35 1.73 -1.86
C ILE B 153 23.65 2.43 -3.01
N ILE B 154 22.90 3.50 -2.72
CA ILE B 154 22.23 4.25 -3.78
C ILE B 154 23.24 4.75 -4.83
N ASP B 155 24.34 5.37 -4.36
CA ASP B 155 25.33 5.93 -5.28
C ASP B 155 25.96 4.84 -6.13
N ASP B 156 26.16 3.66 -5.54
CA ASP B 156 26.80 2.56 -6.23
C ASP B 156 25.89 1.98 -7.30
N MET B 157 24.61 1.79 -6.99
CA MET B 157 23.75 1.22 -8.02
C MET B 157 23.48 2.22 -9.14
N VAL B 158 23.63 3.52 -8.89
CA VAL B 158 23.68 4.48 -10.00
C VAL B 158 24.97 4.30 -10.78
N TYR B 159 26.10 4.23 -10.06
CA TYR B 159 27.41 4.08 -10.67
C TYR B 159 27.52 2.80 -11.51
N THR B 160 26.82 1.73 -11.11
CA THR B 160 26.98 0.45 -11.79
C THR B 160 25.77 0.09 -12.65
N ARG B 161 24.94 1.07 -12.99
CA ARG B 161 23.80 0.80 -13.84
C ARG B 161 24.27 0.56 -15.29
N ASP B 162 23.35 0.09 -16.11
CA ASP B 162 23.52 0.16 -17.55
C ASP B 162 22.14 0.42 -18.15
N LYS B 163 22.11 0.71 -19.45
CA LYS B 163 20.86 1.14 -20.08
C LYS B 163 19.74 0.12 -19.95
N SER B 164 20.06 -1.16 -19.76
CA SER B 164 19.00 -2.15 -19.63
C SER B 164 18.51 -2.34 -18.19
N SER B 165 19.20 -1.77 -17.20
CA SER B 165 18.75 -1.90 -15.82
C SER B 165 18.13 -0.62 -15.27
N LEU B 166 17.79 0.35 -16.13
CA LEU B 166 17.33 1.64 -15.63
C LEU B 166 16.01 1.51 -14.89
N ASP B 167 15.02 0.85 -15.51
CA ASP B 167 13.75 0.61 -14.82
C ASP B 167 13.98 -0.11 -13.51
N PHE B 168 14.91 -1.08 -13.51
CA PHE B 168 15.23 -1.81 -12.29
C PHE B 168 15.80 -0.90 -11.23
N VAL B 169 16.77 -0.05 -11.59
CA VAL B 169 17.34 0.90 -10.63
C VAL B 169 16.26 1.84 -10.10
N MET B 170 15.40 2.35 -11.00
CA MET B 170 14.34 3.25 -10.55
C MET B 170 13.40 2.55 -9.57
N GLN B 171 13.05 1.29 -9.82
CA GLN B 171 12.25 0.53 -8.85
C GLN B 171 12.97 0.36 -7.53
N GLN B 172 14.28 0.09 -7.58
CA GLN B 172 15.06 -0.08 -6.36
C GLN B 172 15.09 1.19 -5.54
N LEU B 173 15.14 2.33 -6.21
CA LEU B 173 15.16 3.60 -5.48
C LEU B 173 13.83 3.84 -4.78
N LYS B 174 12.73 3.39 -5.39
CA LYS B 174 11.41 3.48 -4.77
C LYS B 174 11.38 2.75 -3.43
N THR B 175 11.85 1.51 -3.38
CA THR B 175 11.90 0.81 -2.11
C THR B 175 12.89 1.49 -1.17
N MET B 176 13.98 2.03 -1.69
CA MET B 176 14.95 2.74 -0.85
C MET B 176 14.30 3.91 -0.11
N LYS B 177 13.37 4.63 -0.76
CA LYS B 177 12.65 5.71 -0.08
C LYS B 177 11.85 5.15 1.09
N VAL B 178 11.28 3.98 0.93
CA VAL B 178 10.52 3.37 2.01
C VAL B 178 11.40 3.11 3.22
N LEU B 179 12.65 2.70 2.99
CA LEU B 179 13.54 2.45 4.13
C LEU B 179 13.81 3.74 4.93
N PHE B 180 13.75 4.91 4.29
CA PHE B 180 13.98 6.17 5.00
C PHE B 180 12.70 6.76 5.58
N TYR B 181 11.56 6.06 5.48
CA TYR B 181 10.29 6.60 5.95
C TYR B 181 10.35 6.97 7.43
N ASN B 182 10.95 6.11 8.26
CA ASN B 182 11.01 6.34 9.70
C ASN B 182 12.14 5.45 10.25
N VAL B 183 13.30 6.05 10.53
CA VAL B 183 14.43 5.28 11.02
C VAL B 183 14.39 5.09 12.52
N PHE B 184 13.31 5.53 13.17
CA PHE B 184 13.17 5.36 14.61
C PHE B 184 12.08 4.35 14.93
N PHE B 185 12.00 3.25 14.19
CA PHE B 185 11.07 2.17 14.57
C PHE B 185 11.51 1.48 15.85
N ILE B 186 12.80 1.43 16.12
CA ILE B 186 13.35 0.71 17.27
C ILE B 186 13.85 1.66 18.34
N LEU B 187 14.76 2.58 17.99
CA LEU B 187 15.36 3.39 19.02
C LEU B 187 14.32 4.38 19.51
N GLN B 188 14.15 4.46 20.83
CA GLN B 188 13.11 5.27 21.45
C GLN B 188 13.65 6.67 21.71
N CYS B 189 13.23 7.64 20.90
CA CYS B 189 13.50 9.07 21.13
C CYS B 189 12.40 9.82 20.40
N ALA B 190 11.36 10.17 21.14
CA ALA B 190 10.20 10.82 20.54
C ALA B 190 10.60 12.13 19.87
N MET B 191 11.48 12.91 20.52
CA MET B 191 11.89 14.18 19.94
C MET B 191 12.62 13.97 18.61
N CYS B 192 13.56 13.02 18.58
CA CYS B 192 14.28 12.70 17.34
C CYS B 192 13.33 12.23 16.25
N ARG B 193 12.37 11.37 16.62
CA ARG B 193 11.49 10.78 15.63
C ARG B 193 10.57 11.83 15.03
N ASP B 194 9.95 12.65 15.90
CA ASP B 194 9.12 13.75 15.42
C ASP B 194 9.92 14.69 14.51
N HIS B 195 11.14 15.03 14.92
CA HIS B 195 11.97 15.90 14.08
C HIS B 195 12.29 15.22 12.75
N TYR B 196 12.64 13.92 12.79
CA TYR B 196 12.99 13.21 11.56
C TYR B 196 11.82 13.20 10.58
N MET B 197 10.60 12.98 11.06
CA MET B 197 9.47 12.96 10.12
C MET B 197 9.25 14.33 9.48
N ASN B 198 9.71 15.40 10.12
CA ASN B 198 9.59 16.72 9.50
C ASN B 198 10.70 17.01 8.49
N VAL B 199 11.93 16.57 8.72
CA VAL B 199 13.04 16.97 7.84
C VAL B 199 13.59 15.82 6.99
N LYS B 200 13.08 14.60 7.15
CA LYS B 200 13.59 13.49 6.33
C LYS B 200 13.52 13.78 4.84
N GLY B 201 12.53 14.57 4.42
CA GLY B 201 12.37 14.96 3.04
C GLY B 201 13.61 15.53 2.40
N PHE B 202 14.51 16.14 3.18
CA PHE B 202 15.77 16.61 2.58
C PHE B 202 16.53 15.44 1.94
N ILE B 203 16.56 14.30 2.61
CA ILE B 203 17.21 13.11 2.03
C ILE B 203 16.36 12.57 0.88
N ILE B 204 15.07 12.36 1.13
CA ILE B 204 14.21 11.68 0.16
C ILE B 204 14.10 12.51 -1.11
N TYR B 205 14.12 13.84 -0.97
CA TYR B 205 14.08 14.71 -2.12
C TYR B 205 15.22 14.42 -3.08
N HIS B 206 16.43 14.19 -2.54
CA HIS B 206 17.57 13.91 -3.41
C HIS B 206 17.48 12.52 -4.02
N ILE B 207 16.89 11.54 -3.33
CA ILE B 207 16.61 10.27 -4.00
C ILE B 207 15.72 10.51 -5.20
N GLU B 208 14.71 11.38 -5.06
CA GLU B 208 13.82 11.70 -6.17
C GLU B 208 14.54 12.44 -7.29
N LEU B 209 15.53 13.28 -6.95
CA LEU B 209 16.36 13.89 -7.99
C LEU B 209 17.08 12.84 -8.82
N ILE B 210 17.54 11.77 -8.16
CA ILE B 210 18.23 10.70 -8.88
C ILE B 210 17.24 9.94 -9.77
N GLU B 211 16.03 9.65 -9.25
CA GLU B 211 15.00 9.04 -10.09
C GLU B 211 14.72 9.90 -11.32
N ILE B 212 14.59 11.21 -11.12
CA ILE B 212 14.35 12.11 -12.24
C ILE B 212 15.49 12.02 -13.25
N ALA B 213 16.73 11.97 -12.76
CA ALA B 213 17.88 11.88 -13.65
C ALA B 213 17.87 10.57 -14.44
N LEU B 214 17.51 9.46 -13.80
CA LEU B 214 17.46 8.18 -14.49
C LEU B 214 16.35 8.16 -15.53
N ASP B 215 15.21 8.79 -15.21
CA ASP B 215 14.12 8.89 -16.16
C ASP B 215 14.52 9.67 -17.40
N LYS B 216 15.17 10.83 -17.22
CA LYS B 216 15.70 11.57 -18.36
C LYS B 216 16.59 10.69 -19.21
N GLU B 217 17.52 9.98 -18.58
CA GLU B 217 18.44 9.12 -19.32
C GLU B 217 17.70 8.04 -20.07
N LYS B 218 16.66 7.46 -19.45
CA LYS B 218 15.83 6.49 -20.14
C LYS B 218 15.20 7.10 -21.39
N TYR B 219 14.89 8.40 -21.35
CA TYR B 219 14.25 9.05 -22.47
C TYR B 219 15.21 9.84 -23.37
N GLY B 220 16.51 9.56 -23.28
CA GLY B 220 17.46 10.01 -24.29
C GLY B 220 18.57 10.93 -23.81
N THR B 221 18.53 11.47 -22.60
CA THR B 221 19.55 12.42 -22.16
C THR B 221 20.41 11.78 -21.07
N ASP B 222 21.63 11.39 -21.42
CA ASP B 222 22.50 10.71 -20.48
C ASP B 222 22.78 11.60 -19.28
N ILE B 223 23.06 10.97 -18.14
CA ILE B 223 23.48 11.71 -16.97
C ILE B 223 24.91 12.17 -17.18
N THR B 224 25.16 13.45 -16.91
CA THR B 224 26.52 13.97 -16.81
C THR B 224 26.89 14.10 -15.34
N PHE B 225 27.95 13.41 -14.93
CA PHE B 225 28.36 13.45 -13.53
C PHE B 225 29.30 14.62 -13.27
N VAL B 226 29.06 15.32 -12.16
CA VAL B 226 29.92 16.43 -11.75
C VAL B 226 30.51 16.13 -10.38
N ASP B 227 31.50 16.94 -9.99
CA ASP B 227 32.28 16.66 -8.79
C ASP B 227 31.72 17.29 -7.52
N SER B 228 30.97 18.38 -7.62
CA SER B 228 30.49 19.03 -6.41
C SER B 228 28.98 19.19 -6.43
N TYR B 229 28.38 19.20 -5.23
CA TYR B 229 26.95 19.49 -5.12
C TYR B 229 26.61 20.85 -5.70
N GLN B 230 27.53 21.81 -5.58
CA GLN B 230 27.26 23.16 -6.08
C GLN B 230 27.16 23.19 -7.60
N GLN B 231 27.95 22.37 -8.30
CA GLN B 231 27.80 22.28 -9.75
C GLN B 231 26.45 21.68 -10.13
N GLU B 232 26.01 20.67 -9.38
CA GLU B 232 24.72 20.05 -9.66
C GLU B 232 23.58 21.07 -9.52
N THR B 233 23.56 21.80 -8.39
CA THR B 233 22.43 22.70 -8.15
C THR B 233 22.48 23.90 -9.08
N ALA B 234 23.68 24.36 -9.43
CA ALA B 234 23.81 25.45 -10.40
C ALA B 234 23.33 25.00 -11.77
N GLY B 235 23.68 23.78 -12.17
CA GLY B 235 23.28 23.27 -13.46
C GLY B 235 21.79 23.01 -13.57
N ALA B 236 21.10 22.82 -12.44
CA ALA B 236 19.67 22.58 -12.48
C ALA B 236 18.89 23.83 -12.88
N ASP B 237 19.51 25.00 -12.79
CA ASP B 237 18.85 26.26 -13.10
C ASP B 237 19.13 26.74 -14.51
N VAL B 238 19.86 25.97 -15.31
CA VAL B 238 20.08 26.29 -16.72
C VAL B 238 18.76 26.20 -17.49
N SER B 242 18.15 19.55 -22.38
CA SER B 242 18.97 18.37 -22.58
C SER B 242 20.12 18.32 -21.58
N ASN B 243 19.85 18.82 -20.37
CA ASN B 243 20.84 18.95 -19.31
C ASN B 243 20.40 18.12 -18.11
N ASN B 244 21.30 17.26 -17.62
CA ASN B 244 20.98 16.16 -16.70
C ASN B 244 22.20 15.88 -15.82
N MET B 245 22.56 16.84 -14.96
CA MET B 245 23.77 16.71 -14.16
C MET B 245 23.46 16.12 -12.80
N LEU B 246 24.28 15.15 -12.39
CA LEU B 246 24.23 14.57 -11.06
C LEU B 246 25.61 14.60 -10.45
N MET B 247 25.66 14.97 -9.18
CA MET B 247 26.91 14.93 -8.45
C MET B 247 27.32 13.49 -8.19
N LYS B 248 28.59 13.19 -8.40
CA LYS B 248 29.06 11.86 -8.04
C LYS B 248 29.06 11.71 -6.51
N ASN B 249 28.62 10.54 -6.05
CA ASN B 249 28.50 10.26 -4.61
C ASN B 249 27.52 11.22 -3.95
N LEU B 250 26.43 11.55 -4.65
CA LEU B 250 25.47 12.54 -4.15
C LEU B 250 24.94 12.17 -2.78
N MET B 251 24.52 10.91 -2.59
CA MET B 251 23.84 10.58 -1.34
C MET B 251 24.80 10.50 -0.18
N ALA B 252 26.07 10.12 -0.44
CA ALA B 252 27.09 10.21 0.61
C ALA B 252 27.19 11.64 1.12
N TYR B 253 27.25 12.60 0.20
CA TYR B 253 27.31 14.01 0.56
C TYR B 253 26.03 14.46 1.25
N VAL B 254 24.86 14.04 0.73
CA VAL B 254 23.58 14.52 1.25
C VAL B 254 23.37 13.99 2.67
N SER B 255 23.65 12.71 2.90
CA SER B 255 23.50 12.17 4.25
C SER B 255 24.54 12.74 5.21
N MET B 256 25.75 13.02 4.73
CA MET B 256 26.74 13.71 5.56
C MET B 256 26.23 15.09 5.96
N THR B 257 25.68 15.84 5.01
CA THR B 257 25.18 17.18 5.29
C THR B 257 24.01 17.14 6.26
N PHE B 258 23.07 16.22 6.03
CA PHE B 258 21.96 16.03 6.96
C PHE B 258 22.46 15.71 8.38
N HIS B 259 23.40 14.76 8.50
CA HIS B 259 23.99 14.39 9.79
C HIS B 259 24.53 15.61 10.52
N ASN B 260 25.31 16.45 9.82
CA ASN B 260 25.82 17.68 10.42
C ASN B 260 24.67 18.58 10.90
N ASP B 261 23.68 18.82 10.04
CA ASP B 261 22.56 19.71 10.38
C ASP B 261 21.81 19.22 11.60
N ILE B 262 21.51 17.93 11.67
CA ILE B 262 20.84 17.41 12.86
C ILE B 262 21.65 17.75 14.11
N ASN B 263 22.97 17.53 14.05
CA ASN B 263 23.78 17.79 15.24
C ASN B 263 23.90 19.28 15.53
N ASP B 264 23.80 20.14 14.50
CA ASP B 264 23.74 21.58 14.77
C ASP B 264 22.42 21.96 15.40
N TYR B 265 21.32 21.39 14.90
CA TYR B 265 19.99 21.78 15.36
C TYR B 265 19.72 21.33 16.79
N LYS B 266 20.31 20.22 17.23
CA LYS B 266 19.98 19.73 18.57
C LYS B 266 20.38 20.73 19.66
N TRP B 267 21.25 21.70 19.33
CA TRP B 267 21.57 22.76 20.29
C TRP B 267 20.45 23.80 20.39
N ILE B 268 19.71 24.00 19.31
CA ILE B 268 18.52 24.84 19.40
C ILE B 268 17.45 24.15 20.24
N GLN B 269 17.21 22.86 19.99
CA GLN B 269 16.22 22.12 20.78
C GLN B 269 16.54 22.15 22.28
N ARG B 270 17.82 22.15 22.63
CA ARG B 270 18.24 22.15 24.01
C ARG B 270 18.39 23.53 24.61
N ASN B 271 18.12 24.58 23.83
CA ASN B 271 18.35 25.96 24.26
C ASN B 271 19.76 26.14 24.83
N LYS B 272 20.76 25.67 24.07
CA LYS B 272 22.14 25.74 24.51
C LYS B 272 23.02 26.36 23.45
N LYS B 273 24.06 27.06 23.91
CA LYS B 273 25.12 27.47 23.01
C LYS B 273 25.79 26.23 22.42
N PRO B 274 26.17 26.26 21.14
CA PRO B 274 26.98 25.16 20.59
C PRO B 274 28.35 25.15 21.22
N PRO B 275 28.92 23.96 21.48
CA PRO B 275 30.17 23.89 22.24
C PRO B 275 31.34 24.49 21.48
N ALA B 276 32.46 24.62 22.20
CA ALA B 276 33.64 25.34 21.72
C ALA B 276 34.20 24.73 20.46
N TYR B 278 33.55 22.74 18.13
CA TYR B 278 32.72 21.69 17.55
C TYR B 278 33.18 21.40 16.12
N GLU B 279 33.86 20.27 15.94
CA GLU B 279 34.38 19.90 14.64
C GLU B 279 33.29 19.22 13.82
N ARG B 280 32.93 19.83 12.70
CA ARG B 280 32.02 19.19 11.77
C ARG B 280 32.81 18.28 10.84
N MET B 281 32.12 17.24 10.37
CA MET B 281 32.60 16.42 9.28
C MET B 281 32.56 17.23 7.98
N THR B 282 33.73 17.43 7.34
CA THR B 282 33.74 18.07 6.03
C THR B 282 33.62 17.03 4.91
N TRP B 283 33.15 17.47 3.75
CA TRP B 283 33.03 16.57 2.61
C TRP B 283 34.39 15.98 2.24
N GLY B 284 35.45 16.79 2.27
CA GLY B 284 36.76 16.26 1.88
C GLY B 284 37.27 15.24 2.86
N GLU B 285 37.08 15.49 4.15
CA GLU B 285 37.44 14.51 5.17
C GLU B 285 36.65 13.23 4.99
N TYR B 286 35.35 13.36 4.72
CA TYR B 286 34.47 12.21 4.60
C TYR B 286 34.83 11.37 3.39
N LYS B 287 35.07 12.02 2.25
CA LYS B 287 35.58 11.29 1.10
C LYS B 287 36.85 10.54 1.44
N LYS B 288 37.75 11.17 2.19
CA LYS B 288 38.98 10.51 2.59
C LYS B 288 38.68 9.24 3.38
N LEU B 289 37.73 9.32 4.32
CA LEU B 289 37.46 8.20 5.22
C LEU B 289 36.90 7.00 4.48
N LEU B 290 36.10 7.23 3.44
CA LEU B 290 35.46 6.19 2.66
C LEU B 290 36.20 5.92 1.35
N ASN B 291 37.30 6.63 1.09
CA ASN B 291 38.09 6.44 -0.13
C ASN B 291 37.22 6.63 -1.38
N LEU B 292 36.44 7.71 -1.39
CA LEU B 292 35.49 7.96 -2.48
C LEU B 292 36.17 8.74 -3.61
N MET C 35 -39.33 -4.20 -9.83
CA MET C 35 -38.22 -5.11 -9.60
C MET C 35 -37.81 -5.16 -8.12
N ILE C 36 -36.75 -4.45 -7.74
CA ILE C 36 -36.21 -4.55 -6.38
C ILE C 36 -36.99 -3.63 -5.45
N PRO C 37 -37.34 -4.08 -4.24
CA PRO C 37 -38.11 -3.24 -3.31
C PRO C 37 -37.42 -1.92 -3.01
N LEU C 38 -38.16 -0.82 -3.12
CA LEU C 38 -37.68 0.49 -2.68
C LEU C 38 -37.79 0.59 -1.15
N THR C 39 -36.64 0.78 -0.50
CA THR C 39 -36.50 0.93 0.94
C THR C 39 -35.51 2.03 1.20
N PRO C 40 -35.48 2.62 2.41
CA PRO C 40 -34.37 3.51 2.78
C PRO C 40 -32.99 2.92 2.49
N LEU C 41 -32.72 1.67 2.88
CA LEU C 41 -31.39 1.10 2.68
C LEU C 41 -31.05 0.95 1.20
N PHE C 42 -32.01 0.56 0.38
CA PHE C 42 -31.73 0.48 -1.06
C PHE C 42 -31.44 1.86 -1.63
N SER C 43 -32.12 2.89 -1.12
CA SER C 43 -31.86 4.24 -1.61
C SER C 43 -30.42 4.65 -1.32
N ARG C 44 -29.91 4.24 -0.17
CA ARG C 44 -28.51 4.51 0.13
C ARG C 44 -27.60 3.72 -0.79
N TYR C 45 -27.88 2.42 -0.97
CA TYR C 45 -27.11 1.60 -1.90
C TYR C 45 -27.02 2.26 -3.27
N LYS C 46 -28.15 2.74 -3.78
CA LYS C 46 -28.16 3.32 -5.12
C LYS C 46 -27.26 4.53 -5.20
N ASP C 47 -27.33 5.44 -4.20
CA ASP C 47 -26.46 6.61 -4.24
C ASP C 47 -24.99 6.22 -4.08
N SER C 48 -24.69 5.31 -3.15
CA SER C 48 -23.32 4.85 -2.99
C SER C 48 -22.79 4.29 -4.30
N TYR C 49 -23.60 3.49 -4.99
CA TYR C 49 -23.24 2.93 -6.29
C TYR C 49 -22.80 4.01 -7.27
N LEU C 50 -23.59 5.10 -7.35
CA LEU C 50 -23.21 6.18 -8.26
C LEU C 50 -21.91 6.85 -7.82
N LEU C 51 -21.76 7.08 -6.52
CA LEU C 51 -20.53 7.68 -6.02
C LEU C 51 -19.33 6.78 -6.35
N TYR C 52 -19.47 5.48 -6.09
CA TYR C 52 -18.41 4.54 -6.47
C TYR C 52 -18.05 4.68 -7.94
N SER C 53 -19.06 4.73 -8.81
CA SER C 53 -18.82 4.81 -10.25
C SER C 53 -18.14 6.13 -10.63
N PHE C 54 -18.57 7.23 -10.00
CA PHE C 54 -17.91 8.51 -10.23
C PHE C 54 -16.44 8.44 -9.85
N ARG C 55 -16.15 7.92 -8.66
CA ARG C 55 -14.76 7.89 -8.21
C ARG C 55 -13.92 7.00 -9.12
N LEU C 56 -14.54 5.98 -9.73
CA LEU C 56 -13.80 5.13 -10.66
C LEU C 56 -13.42 5.88 -11.93
N ILE C 57 -14.36 6.63 -12.53
CA ILE C 57 -13.98 7.27 -13.80
C ILE C 57 -13.02 8.43 -13.57
N ASP C 58 -12.98 8.97 -12.37
CA ASP C 58 -11.98 9.98 -12.05
C ASP C 58 -10.56 9.41 -12.14
N LEU C 59 -10.38 8.11 -11.92
CA LEU C 59 -9.05 7.51 -12.03
C LEU C 59 -8.51 7.43 -13.46
N LEU C 60 -9.39 7.49 -14.48
CA LEU C 60 -8.95 7.22 -15.85
C LEU C 60 -7.88 8.21 -16.30
N ARG C 61 -8.07 9.50 -16.03
CA ARG C 61 -7.10 10.51 -16.45
C ARG C 61 -5.73 10.29 -15.81
N ALA C 62 -5.68 9.62 -14.66
CA ALA C 62 -4.43 9.40 -13.94
C ALA C 62 -3.76 8.08 -14.27
N SER C 63 -4.43 7.22 -15.03
CA SER C 63 -3.98 5.85 -15.21
C SER C 63 -2.53 5.81 -15.69
N LYS C 64 -1.73 4.96 -15.05
CA LYS C 64 -0.32 4.82 -15.35
C LYS C 64 -0.03 3.70 -16.34
N SER C 65 -1.06 3.06 -16.91
CA SER C 65 -0.86 1.99 -17.87
C SER C 65 -2.07 1.87 -18.79
N THR C 66 -1.82 1.36 -20.00
CA THR C 66 -2.92 1.01 -20.89
C THR C 66 -3.80 -0.06 -20.27
N HIS C 67 -3.18 -1.03 -19.58
CA HIS C 67 -3.95 -2.12 -18.97
C HIS C 67 -4.93 -1.58 -17.94
N LEU C 68 -4.47 -0.69 -17.06
CA LEU C 68 -5.37 -0.13 -16.07
C LEU C 68 -6.48 0.69 -16.73
N THR C 69 -6.13 1.45 -17.78
CA THR C 69 -7.11 2.26 -18.49
C THR C 69 -8.23 1.40 -19.07
N LYS C 70 -7.86 0.26 -19.66
CA LYS C 70 -8.85 -0.64 -20.25
C LYS C 70 -9.71 -1.26 -19.16
N LEU C 71 -9.10 -1.65 -18.03
CA LEU C 71 -9.86 -2.22 -16.91
C LEU C 71 -10.86 -1.21 -16.34
N LEU C 72 -10.41 0.01 -16.05
CA LEU C 72 -11.30 1.02 -15.48
C LEU C 72 -12.44 1.36 -16.43
N SER C 73 -12.12 1.57 -17.72
CA SER C 73 -13.13 1.92 -18.72
C SER C 73 -14.22 0.87 -18.79
N SER C 74 -13.81 -0.40 -18.86
CA SER C 74 -14.80 -1.48 -18.97
C SER C 74 -15.63 -1.58 -17.71
N GLN C 75 -14.98 -1.50 -16.55
CA GLN C 75 -15.70 -1.59 -15.27
C GLN C 75 -16.74 -0.49 -15.16
N ALA C 76 -16.35 0.74 -15.48
CA ALA C 76 -17.28 1.85 -15.33
C ALA C 76 -18.42 1.72 -16.33
N THR C 77 -18.12 1.28 -17.55
CA THR C 77 -19.18 1.02 -18.52
C THR C 77 -20.13 -0.04 -18.00
N TYR C 78 -19.59 -1.14 -17.47
CA TYR C 78 -20.44 -2.19 -16.87
C TYR C 78 -21.24 -1.64 -15.70
N LEU C 79 -20.63 -0.79 -14.88
CA LEU C 79 -21.31 -0.32 -13.68
C LEU C 79 -22.56 0.47 -14.03
N TYR C 80 -22.45 1.43 -14.96
CA TYR C 80 -23.61 2.20 -15.37
C TYR C 80 -24.61 1.33 -16.12
N HIS C 81 -24.14 0.29 -16.81
CA HIS C 81 -25.05 -0.64 -17.48
C HIS C 81 -26.07 -1.22 -16.50
N PHE C 82 -25.62 -1.54 -15.30
CA PHE C 82 -26.49 -2.12 -14.29
C PHE C 82 -27.19 -1.07 -13.44
N ALA C 83 -26.98 0.21 -13.72
CA ALA C 83 -27.60 1.27 -12.93
C ALA C 83 -28.99 1.59 -13.45
N ILE C 91 -29.77 4.42 -26.11
CA ILE C 91 -29.56 5.83 -25.79
C ILE C 91 -28.71 5.96 -24.52
N GLN C 92 -29.12 5.32 -23.42
CA GLN C 92 -28.34 5.38 -22.19
C GLN C 92 -26.94 4.80 -22.39
N LYS C 93 -26.85 3.68 -23.12
CA LYS C 93 -25.53 3.10 -23.41
C LYS C 93 -24.68 4.06 -24.23
N TYR C 94 -25.31 4.79 -25.16
CA TYR C 94 -24.59 5.73 -26.00
C TYR C 94 -24.09 6.93 -25.21
N GLU C 95 -24.95 7.51 -24.38
CA GLU C 95 -24.54 8.64 -23.57
C GLU C 95 -23.44 8.27 -22.58
N VAL C 96 -23.57 7.09 -21.95
CA VAL C 96 -22.53 6.59 -21.04
C VAL C 96 -21.20 6.51 -21.76
N GLN C 97 -21.20 6.00 -23.00
CA GLN C 97 -19.97 5.94 -23.77
C GLN C 97 -19.34 7.31 -23.94
N GLN C 98 -20.15 8.34 -24.22
CA GLN C 98 -19.60 9.68 -24.33
C GLN C 98 -19.07 10.17 -22.98
N LEU C 99 -19.76 9.84 -21.89
CA LEU C 99 -19.27 10.18 -20.55
C LEU C 99 -17.92 9.53 -20.28
N ILE C 100 -17.79 8.24 -20.60
CA ILE C 100 -16.53 7.53 -20.32
C ILE C 100 -15.41 8.09 -21.18
N GLU C 101 -15.71 8.35 -22.45
CA GLU C 101 -14.72 8.93 -23.34
C GLU C 101 -14.29 10.31 -22.88
N TRP C 102 -15.23 11.14 -22.41
CA TRP C 102 -14.87 12.41 -21.79
C TRP C 102 -13.94 12.19 -20.60
N ALA C 103 -14.31 11.29 -19.70
CA ALA C 103 -13.46 10.96 -18.54
C ALA C 103 -12.07 10.51 -18.97
N ILE C 104 -11.98 9.79 -20.10
CA ILE C 104 -10.67 9.31 -20.55
C ILE C 104 -9.79 10.50 -20.94
N ASN C 105 -10.37 11.53 -21.56
CA ASN C 105 -9.61 12.67 -22.05
C ASN C 105 -9.50 13.82 -21.06
N ALA C 106 -10.08 13.67 -19.87
CA ALA C 106 -10.08 14.78 -18.92
C ALA C 106 -8.66 15.09 -18.47
N SER C 107 -8.40 16.36 -18.19
CA SER C 107 -7.05 16.78 -17.86
C SER C 107 -6.50 15.98 -16.68
N PRO C 108 -5.29 15.42 -16.79
CA PRO C 108 -4.68 14.75 -15.63
C PRO C 108 -4.21 15.72 -14.56
N ASP C 109 -4.15 17.02 -14.85
CA ASP C 109 -3.62 17.96 -13.88
C ASP C 109 -4.70 18.58 -13.00
N MET C 110 -5.99 18.28 -13.25
CA MET C 110 -7.07 18.70 -12.36
C MET C 110 -7.04 17.92 -11.05
N ASP C 111 -7.59 18.52 -10.00
CA ASP C 111 -7.86 17.80 -8.77
C ASP C 111 -9.25 17.16 -8.81
N LEU C 112 -9.51 16.28 -7.83
CA LEU C 112 -10.79 15.60 -7.73
C LEU C 112 -11.94 16.59 -7.73
N GLN C 113 -11.84 17.65 -6.93
CA GLN C 113 -12.92 18.63 -6.82
C GLN C 113 -13.22 19.28 -8.18
N GLN C 114 -12.19 19.55 -8.98
CA GLN C 114 -12.41 20.11 -10.31
C GLN C 114 -13.01 19.07 -11.24
N PHE C 115 -12.54 17.83 -11.18
CA PHE C 115 -13.16 16.77 -11.97
C PHE C 115 -14.64 16.64 -11.63
N ARG C 116 -14.97 16.73 -10.34
CA ARG C 116 -16.36 16.66 -9.90
C ARG C 116 -17.20 17.78 -10.52
N ILE C 117 -16.65 18.99 -10.59
CA ILE C 117 -17.39 20.09 -11.21
C ILE C 117 -17.66 19.78 -12.67
N GLU C 118 -16.60 19.44 -13.42
CA GLU C 118 -16.74 19.15 -14.84
C GLU C 118 -17.59 17.90 -15.10
N PHE C 119 -17.64 16.97 -14.14
CA PHE C 119 -18.48 15.79 -14.26
C PHE C 119 -19.96 16.15 -14.09
N MET C 120 -20.28 17.00 -13.12
CA MET C 120 -21.68 17.38 -12.95
C MET C 120 -22.18 18.12 -14.18
N ASP C 121 -21.35 18.99 -14.76
CA ASP C 121 -21.71 19.63 -16.01
C ASP C 121 -21.85 18.61 -17.15
N LYS C 122 -20.88 17.71 -17.29
CA LYS C 122 -20.90 16.79 -18.42
C LYS C 122 -22.09 15.83 -18.34
N THR C 123 -22.40 15.31 -17.15
CA THR C 123 -23.58 14.47 -17.00
C THR C 123 -24.86 15.26 -17.26
N THR C 124 -24.91 16.51 -16.83
CA THR C 124 -26.08 17.32 -17.11
C THR C 124 -26.26 17.51 -18.62
N GLU C 125 -25.16 17.79 -19.33
CA GLU C 125 -25.23 18.03 -20.77
C GLU C 125 -25.59 16.75 -21.54
N LEU C 126 -25.17 15.59 -21.04
CA LEU C 126 -25.50 14.30 -21.68
C LEU C 126 -26.85 13.78 -21.25
N ASN C 127 -27.63 14.58 -20.53
CA ASN C 127 -28.92 14.16 -19.98
C ASN C 127 -28.75 12.90 -19.13
N LEU C 128 -27.72 12.91 -18.29
CA LEU C 128 -27.40 11.79 -17.40
C LEU C 128 -27.44 12.25 -15.95
N ARG C 129 -28.36 13.16 -15.63
CA ARG C 129 -28.48 13.61 -14.25
C ARG C 129 -28.73 12.44 -13.30
N SER C 130 -29.26 11.33 -13.81
CA SER C 130 -29.47 10.15 -12.99
C SER C 130 -28.17 9.49 -12.54
N CYS C 131 -27.03 9.87 -13.12
CA CYS C 131 -25.73 9.35 -12.72
C CYS C 131 -25.06 10.19 -11.64
N GLN C 132 -25.68 11.27 -11.21
CA GLN C 132 -25.05 12.20 -10.28
C GLN C 132 -25.32 11.76 -8.85
N PRO C 133 -24.31 11.50 -8.04
CA PRO C 133 -24.54 11.10 -6.66
C PRO C 133 -25.09 12.27 -5.83
N LYS C 134 -25.90 11.93 -4.84
CA LYS C 134 -26.42 12.93 -3.91
C LYS C 134 -25.37 13.35 -2.90
N SER C 135 -24.51 12.42 -2.48
CA SER C 135 -23.45 12.68 -1.52
C SER C 135 -22.13 12.14 -2.07
N PHE C 136 -21.04 12.84 -1.77
CA PHE C 136 -19.72 12.47 -2.26
C PHE C 136 -18.78 12.01 -1.15
N THR C 137 -19.31 11.75 0.04
CA THR C 137 -18.48 11.24 1.12
C THR C 137 -18.20 9.78 0.87
N TYR C 138 -16.94 9.46 0.63
CA TYR C 138 -16.54 8.13 0.16
C TYR C 138 -15.91 7.37 1.32
N THR C 139 -16.49 6.22 1.65
CA THR C 139 -16.03 5.41 2.78
C THR C 139 -16.09 3.93 2.41
N PHE C 140 -15.65 3.09 3.34
CA PHE C 140 -15.89 1.65 3.23
C PHE C 140 -17.36 1.32 2.98
N THR C 141 -18.28 2.09 3.57
CA THR C 141 -19.70 1.83 3.34
C THR C 141 -20.09 2.03 1.88
N THR C 142 -19.46 2.98 1.20
CA THR C 142 -19.73 3.15 -0.21
C THR C 142 -19.40 1.89 -0.98
N ILE C 143 -18.29 1.23 -0.62
CA ILE C 143 -17.87 0.02 -1.33
C ILE C 143 -18.80 -1.14 -1.00
N TRP C 144 -19.10 -1.33 0.30
CA TRP C 144 -20.05 -2.36 0.71
C TRP C 144 -21.41 -2.14 0.06
N ASP C 145 -21.95 -0.93 0.17
CA ASP C 145 -23.20 -0.63 -0.50
C ASP C 145 -23.15 -1.04 -1.97
N THR C 146 -22.05 -0.73 -2.67
CA THR C 146 -21.97 -1.06 -4.09
C THR C 146 -22.05 -2.58 -4.30
N MET C 147 -21.29 -3.34 -3.53
CA MET C 147 -21.32 -4.81 -3.69
C MET C 147 -22.70 -5.38 -3.34
N HIS C 148 -23.32 -4.89 -2.28
CA HIS C 148 -24.67 -5.35 -1.92
C HIS C 148 -25.68 -4.95 -2.99
N PHE C 149 -25.53 -3.76 -3.55
CA PHE C 149 -26.37 -3.32 -4.67
C PHE C 149 -26.27 -4.29 -5.85
N LEU C 150 -25.05 -4.59 -6.31
CA LEU C 150 -24.85 -5.53 -7.40
C LEU C 150 -25.48 -6.89 -7.09
N SER C 151 -25.33 -7.35 -5.84
CA SER C 151 -25.94 -8.60 -5.43
C SER C 151 -27.45 -8.56 -5.62
N LEU C 152 -28.08 -7.47 -5.19
CA LEU C 152 -29.52 -7.32 -5.38
C LEU C 152 -29.88 -7.34 -6.86
N ILE C 153 -29.03 -6.74 -7.70
CA ILE C 153 -29.29 -6.73 -9.14
C ILE C 153 -29.25 -8.14 -9.70
N ILE C 154 -28.27 -8.94 -9.26
CA ILE C 154 -28.20 -10.33 -9.72
C ILE C 154 -29.48 -11.07 -9.34
N ASP C 155 -29.86 -11.00 -8.06
CA ASP C 155 -31.03 -11.74 -7.60
C ASP C 155 -32.27 -11.35 -8.40
N ASP C 156 -32.39 -10.07 -8.74
CA ASP C 156 -33.57 -9.55 -9.44
C ASP C 156 -33.59 -10.00 -10.90
N MET C 157 -32.43 -9.92 -11.58
CA MET C 157 -32.32 -10.42 -12.94
C MET C 157 -32.72 -11.87 -13.05
N VAL C 158 -32.34 -12.69 -12.06
CA VAL C 158 -32.67 -14.10 -12.11
C VAL C 158 -34.15 -14.32 -11.84
N TYR C 159 -34.68 -13.67 -10.79
CA TYR C 159 -36.09 -13.83 -10.44
C TYR C 159 -37.01 -13.42 -11.59
N THR C 160 -36.65 -12.38 -12.32
CA THR C 160 -37.49 -11.85 -13.39
C THR C 160 -37.00 -12.21 -14.78
N ARG C 161 -36.21 -13.29 -14.91
CA ARG C 161 -35.72 -13.72 -16.21
C ARG C 161 -36.88 -14.22 -17.09
N ASP C 162 -36.55 -14.69 -18.28
CA ASP C 162 -37.51 -15.44 -19.09
C ASP C 162 -36.82 -16.66 -19.72
N SER C 165 -34.05 -15.60 -23.43
CA SER C 165 -33.57 -14.52 -22.58
C SER C 165 -32.66 -15.06 -21.48
N LEU C 166 -32.71 -16.38 -21.25
CA LEU C 166 -31.74 -16.98 -20.33
C LEU C 166 -30.32 -16.79 -20.83
N ASP C 167 -30.13 -16.73 -22.15
CA ASP C 167 -28.81 -16.37 -22.67
C ASP C 167 -28.44 -14.96 -22.26
N PHE C 168 -29.40 -14.03 -22.31
CA PHE C 168 -29.15 -12.66 -21.87
C PHE C 168 -28.70 -12.64 -20.41
N VAL C 169 -29.44 -13.33 -19.54
CA VAL C 169 -29.10 -13.33 -18.12
C VAL C 169 -27.76 -14.03 -17.89
N MET C 170 -27.49 -15.11 -18.63
CA MET C 170 -26.20 -15.80 -18.47
C MET C 170 -25.04 -14.92 -18.89
N GLN C 171 -25.26 -14.01 -19.85
CA GLN C 171 -24.21 -13.04 -20.24
C GLN C 171 -24.04 -11.95 -19.19
N GLN C 172 -25.14 -11.45 -18.62
CA GLN C 172 -25.05 -10.47 -17.54
C GLN C 172 -24.29 -11.03 -16.35
N LEU C 173 -24.52 -12.30 -16.02
CA LEU C 173 -23.81 -12.92 -14.90
C LEU C 173 -22.30 -12.93 -15.13
N LYS C 174 -21.87 -13.23 -16.36
CA LYS C 174 -20.44 -13.22 -16.62
C LYS C 174 -19.86 -11.83 -16.42
N THR C 175 -20.60 -10.80 -16.83
CA THR C 175 -20.20 -9.42 -16.56
C THR C 175 -20.14 -9.15 -15.06
N MET C 176 -21.10 -9.69 -14.30
CA MET C 176 -21.05 -9.56 -12.85
C MET C 176 -19.76 -10.18 -12.28
N LYS C 177 -19.34 -11.33 -12.80
CA LYS C 177 -18.12 -11.97 -12.29
C LYS C 177 -16.91 -11.05 -12.49
N VAL C 178 -16.81 -10.43 -13.66
CA VAL C 178 -15.73 -9.47 -13.96
C VAL C 178 -15.77 -8.29 -12.99
N LEU C 179 -16.97 -7.81 -12.64
CA LEU C 179 -17.06 -6.66 -11.74
C LEU C 179 -16.58 -7.00 -10.33
N PHE C 180 -16.96 -8.16 -9.80
CA PHE C 180 -16.48 -8.53 -8.47
C PHE C 180 -15.01 -8.91 -8.51
N TYR C 181 -14.51 -9.41 -9.64
CA TYR C 181 -13.10 -9.74 -9.70
C TYR C 181 -12.24 -8.49 -9.59
N ASN C 182 -12.72 -7.39 -10.16
CA ASN C 182 -11.95 -6.15 -10.33
C ASN C 182 -12.46 -4.99 -9.46
N VAL C 183 -12.99 -5.28 -8.27
CA VAL C 183 -13.38 -4.21 -7.36
C VAL C 183 -12.14 -3.41 -6.97
N PHE C 184 -12.16 -2.09 -7.21
CA PHE C 184 -11.12 -1.18 -6.74
C PHE C 184 -11.51 -0.62 -5.38
N PHE C 185 -10.51 -0.43 -4.50
CA PHE C 185 -10.86 0.20 -3.24
C PHE C 185 -10.90 1.73 -3.35
N ILE C 186 -10.07 2.30 -4.22
CA ILE C 186 -9.94 3.74 -4.46
C ILE C 186 -9.41 4.40 -3.20
N LEU C 187 -10.10 4.26 -2.07
CA LEU C 187 -9.48 4.64 -0.82
C LEU C 187 -8.27 3.74 -0.54
N GLN C 188 -7.48 4.13 0.44
CA GLN C 188 -6.21 3.47 0.72
C GLN C 188 -6.41 2.46 1.85
N CYS C 189 -6.27 1.17 1.51
CA CYS C 189 -6.23 0.11 2.53
C CYS C 189 -5.61 -1.12 1.86
N ALA C 190 -4.28 -1.25 1.97
CA ALA C 190 -3.57 -2.36 1.34
C ALA C 190 -3.99 -3.70 1.94
N MET C 191 -4.12 -3.73 3.26
CA MET C 191 -4.59 -4.93 3.94
C MET C 191 -5.93 -5.40 3.39
N CYS C 192 -6.86 -4.45 3.20
CA CYS C 192 -8.17 -4.77 2.63
C CYS C 192 -8.00 -5.35 1.22
N ARG C 193 -7.17 -4.70 0.41
CA ARG C 193 -6.96 -5.17 -0.96
C ARG C 193 -6.40 -6.59 -0.97
N ASP C 194 -5.39 -6.84 -0.13
CA ASP C 194 -4.85 -8.18 0.01
C ASP C 194 -5.92 -9.17 0.44
N HIS C 195 -6.71 -8.82 1.46
CA HIS C 195 -7.74 -9.74 1.96
C HIS C 195 -8.77 -10.04 0.88
N TYR C 196 -9.26 -9.01 0.19
CA TYR C 196 -10.26 -9.22 -0.84
C TYR C 196 -9.73 -10.10 -1.97
N MET C 197 -8.47 -9.90 -2.39
CA MET C 197 -7.99 -10.72 -3.48
C MET C 197 -7.90 -12.19 -3.10
N ASN C 198 -7.78 -12.49 -1.81
CA ASN C 198 -7.74 -13.89 -1.35
C ASN C 198 -9.13 -14.54 -1.32
N VAL C 199 -10.18 -13.82 -0.93
CA VAL C 199 -11.45 -14.47 -0.65
C VAL C 199 -12.56 -14.03 -1.60
N LYS C 200 -12.29 -13.16 -2.58
CA LYS C 200 -13.36 -12.71 -3.47
C LYS C 200 -14.00 -13.86 -4.24
N GLY C 201 -13.23 -14.92 -4.53
CA GLY C 201 -13.80 -16.07 -5.21
C GLY C 201 -14.99 -16.69 -4.50
N PHE C 202 -15.19 -16.40 -3.21
CA PHE C 202 -16.39 -16.90 -2.52
C PHE C 202 -17.65 -16.34 -3.15
N ILE C 203 -17.66 -15.05 -3.44
CA ILE C 203 -18.79 -14.41 -4.13
C ILE C 203 -18.91 -14.93 -5.55
N ILE C 204 -17.81 -14.88 -6.31
CA ILE C 204 -17.83 -15.29 -7.72
C ILE C 204 -18.30 -16.73 -7.85
N TYR C 205 -17.83 -17.61 -6.96
CA TYR C 205 -18.26 -19.01 -6.97
C TYR C 205 -19.77 -19.13 -6.99
N HIS C 206 -20.44 -18.30 -6.17
CA HIS C 206 -21.90 -18.39 -6.09
C HIS C 206 -22.57 -17.84 -7.35
N ILE C 207 -21.96 -16.86 -8.03
CA ILE C 207 -22.46 -16.45 -9.34
C ILE C 207 -22.40 -17.63 -10.30
N GLU C 208 -21.32 -18.41 -10.25
CA GLU C 208 -21.20 -19.57 -11.13
C GLU C 208 -22.26 -20.63 -10.83
N LEU C 209 -22.65 -20.77 -9.55
CA LEU C 209 -23.73 -21.68 -9.20
C LEU C 209 -25.03 -21.27 -9.89
N ILE C 210 -25.27 -19.96 -9.99
CA ILE C 210 -26.46 -19.47 -10.69
C ILE C 210 -26.37 -19.78 -12.18
N GLU C 211 -25.20 -19.54 -12.78
CA GLU C 211 -24.99 -19.94 -14.17
C GLU C 211 -25.33 -21.41 -14.36
N ILE C 212 -24.83 -22.26 -13.47
CA ILE C 212 -25.11 -23.69 -13.55
C ILE C 212 -26.61 -23.95 -13.47
N ALA C 213 -27.29 -23.26 -12.56
CA ALA C 213 -28.74 -23.41 -12.44
C ALA C 213 -29.44 -23.03 -13.74
N LEU C 214 -29.03 -21.91 -14.34
CA LEU C 214 -29.65 -21.47 -15.57
C LEU C 214 -29.33 -22.41 -16.72
N ASP C 215 -28.13 -23.01 -16.72
CA ASP C 215 -27.79 -23.98 -17.74
C ASP C 215 -28.67 -25.22 -17.64
N LYS C 216 -28.90 -25.70 -16.43
CA LYS C 216 -29.82 -26.82 -16.25
C LYS C 216 -31.22 -26.45 -16.70
N GLU C 217 -31.62 -25.19 -16.50
CA GLU C 217 -32.96 -24.79 -16.91
C GLU C 217 -33.07 -24.76 -18.42
N LYS C 218 -32.05 -24.24 -19.10
CA LYS C 218 -32.03 -24.26 -20.56
C LYS C 218 -32.19 -25.68 -21.09
N TYR C 219 -31.68 -26.67 -20.37
CA TYR C 219 -31.68 -28.05 -20.85
C TYR C 219 -32.80 -28.88 -20.23
N GLY C 220 -33.81 -28.25 -19.64
CA GLY C 220 -35.05 -28.94 -19.31
C GLY C 220 -35.39 -29.11 -17.84
N THR C 221 -34.52 -28.76 -16.88
CA THR C 221 -34.85 -28.86 -15.46
C THR C 221 -35.04 -27.45 -14.90
N ASP C 222 -36.28 -27.05 -14.67
CA ASP C 222 -36.54 -25.69 -14.23
C ASP C 222 -35.94 -25.42 -12.85
N ILE C 223 -35.73 -24.15 -12.56
CA ILE C 223 -35.17 -23.75 -11.27
C ILE C 223 -36.25 -23.84 -10.21
N THR C 224 -35.97 -24.58 -9.14
CA THR C 224 -36.80 -24.57 -7.94
C THR C 224 -36.18 -23.59 -6.95
N PHE C 225 -36.89 -22.49 -6.67
CA PHE C 225 -36.41 -21.51 -5.71
C PHE C 225 -36.77 -21.95 -4.30
N VAL C 226 -35.79 -21.89 -3.38
CA VAL C 226 -35.96 -22.35 -2.01
C VAL C 226 -35.66 -21.20 -1.05
N ASP C 227 -36.16 -21.35 0.19
CA ASP C 227 -36.11 -20.27 1.16
C ASP C 227 -34.78 -20.18 1.90
N SER C 228 -33.98 -21.23 1.87
CA SER C 228 -32.78 -21.26 2.69
C SER C 228 -31.58 -21.65 1.85
N TYR C 229 -30.42 -21.17 2.28
CA TYR C 229 -29.16 -21.59 1.70
C TYR C 229 -28.94 -23.08 1.89
N GLN C 230 -29.39 -23.63 3.03
CA GLN C 230 -29.15 -25.03 3.36
C GLN C 230 -29.84 -25.97 2.38
N GLN C 231 -31.04 -25.62 1.93
CA GLN C 231 -31.70 -26.43 0.92
C GLN C 231 -30.91 -26.45 -0.37
N GLU C 232 -30.33 -25.31 -0.73
CA GLU C 232 -29.54 -25.26 -1.97
C GLU C 232 -28.29 -26.12 -1.84
N THR C 233 -27.52 -25.93 -0.76
CA THR C 233 -26.26 -26.65 -0.69
C THR C 233 -26.48 -28.14 -0.51
N ALA C 234 -27.47 -28.52 0.30
CA ALA C 234 -27.78 -29.94 0.47
C ALA C 234 -28.27 -30.55 -0.84
N GLY C 235 -29.07 -29.80 -1.60
CA GLY C 235 -29.63 -30.35 -2.83
C GLY C 235 -28.59 -30.71 -3.87
N ALA C 236 -27.42 -30.06 -3.83
CA ALA C 236 -26.36 -30.39 -4.77
C ALA C 236 -25.70 -31.71 -4.45
N ASP C 237 -25.75 -32.16 -3.19
CA ASP C 237 -25.03 -33.35 -2.77
C ASP C 237 -25.76 -34.63 -3.17
N VAL C 238 -25.94 -34.84 -4.48
CA VAL C 238 -26.55 -36.06 -5.01
C VAL C 238 -25.79 -36.56 -6.24
N SER C 242 -31.25 -34.84 -10.00
CA SER C 242 -31.76 -33.97 -11.05
C SER C 242 -32.74 -32.94 -10.53
N ASN C 243 -32.40 -32.33 -9.40
CA ASN C 243 -33.07 -31.12 -8.95
C ASN C 243 -32.22 -29.91 -9.35
N ASN C 244 -32.85 -28.75 -9.35
CA ASN C 244 -32.20 -27.52 -9.72
C ASN C 244 -32.65 -26.46 -8.72
N MET C 245 -32.18 -26.59 -7.49
CA MET C 245 -32.63 -25.72 -6.41
C MET C 245 -31.69 -24.54 -6.25
N LEU C 246 -32.27 -23.35 -6.17
CA LEU C 246 -31.54 -22.10 -6.05
C LEU C 246 -32.15 -21.32 -4.89
N MET C 247 -31.31 -20.82 -4.00
CA MET C 247 -31.84 -20.00 -2.91
C MET C 247 -32.39 -18.69 -3.45
N LYS C 248 -33.63 -18.38 -3.06
CA LYS C 248 -34.19 -17.06 -3.34
C LYS C 248 -33.35 -15.99 -2.65
N ASN C 249 -33.04 -14.91 -3.36
CA ASN C 249 -32.18 -13.85 -2.83
C ASN C 249 -30.78 -14.36 -2.46
N LEU C 250 -30.25 -15.31 -3.24
CA LEU C 250 -28.97 -15.93 -2.89
C LEU C 250 -27.86 -14.91 -2.70
N MET C 251 -27.74 -13.95 -3.62
CA MET C 251 -26.57 -13.09 -3.57
C MET C 251 -26.69 -12.02 -2.49
N ALA C 252 -27.91 -11.67 -2.09
CA ALA C 252 -28.08 -10.88 -0.89
C ALA C 252 -27.50 -11.61 0.31
N TYR C 253 -27.85 -12.89 0.47
CA TYR C 253 -27.33 -13.70 1.57
C TYR C 253 -25.81 -13.87 1.46
N VAL C 254 -25.32 -14.21 0.27
CA VAL C 254 -23.89 -14.43 0.05
C VAL C 254 -23.10 -13.18 0.44
N SER C 255 -23.51 -12.01 -0.06
CA SER C 255 -22.75 -10.80 0.25
C SER C 255 -22.90 -10.38 1.71
N MET C 256 -24.07 -10.61 2.33
CA MET C 256 -24.23 -10.36 3.76
C MET C 256 -23.28 -11.22 4.58
N THR C 257 -23.22 -12.53 4.28
CA THR C 257 -22.36 -13.44 5.03
C THR C 257 -20.89 -13.11 4.81
N PHE C 258 -20.53 -12.80 3.55
CA PHE C 258 -19.17 -12.35 3.24
C PHE C 258 -18.82 -11.11 4.05
N HIS C 259 -19.71 -10.12 4.06
CA HIS C 259 -19.51 -8.89 4.82
C HIS C 259 -19.25 -9.19 6.30
N ASN C 260 -20.06 -10.08 6.90
CA ASN C 260 -19.84 -10.48 8.29
C ASN C 260 -18.46 -11.12 8.47
N ASP C 261 -18.08 -12.03 7.57
CA ASP C 261 -16.78 -12.69 7.67
C ASP C 261 -15.65 -11.69 7.65
N ILE C 262 -15.68 -10.73 6.72
CA ILE C 262 -14.65 -9.70 6.67
C ILE C 262 -14.55 -8.99 8.02
N ASN C 263 -15.71 -8.60 8.57
CA ASN C 263 -15.68 -7.87 9.83
C ASN C 263 -15.24 -8.75 11.00
N ASP C 264 -15.59 -10.03 10.99
CA ASP C 264 -15.09 -10.94 12.03
C ASP C 264 -13.57 -11.09 11.92
N TYR C 265 -13.06 -11.21 10.71
CA TYR C 265 -11.63 -11.48 10.54
C TYR C 265 -10.77 -10.30 10.96
N LYS C 266 -11.31 -9.08 10.92
CA LYS C 266 -10.45 -7.94 11.22
C LYS C 266 -10.03 -7.93 12.69
N TRP C 267 -10.73 -8.68 13.56
CA TRP C 267 -10.28 -8.82 14.94
C TRP C 267 -8.99 -9.63 15.01
N ILE C 268 -8.92 -10.74 14.26
CA ILE C 268 -7.66 -11.45 14.09
C ILE C 268 -6.59 -10.51 13.55
N GLN C 269 -6.96 -9.65 12.59
CA GLN C 269 -5.98 -8.79 11.94
C GLN C 269 -5.39 -7.77 12.92
N ARG C 270 -6.20 -7.29 13.85
CA ARG C 270 -5.75 -6.29 14.81
C ARG C 270 -5.28 -6.88 16.13
N ASN C 271 -5.35 -8.19 16.30
CA ASN C 271 -5.01 -8.84 17.58
C ASN C 271 -5.85 -8.26 18.72
N LYS C 272 -7.16 -8.42 18.59
CA LYS C 272 -8.07 -7.87 19.59
C LYS C 272 -9.19 -8.87 19.85
N LYS C 273 -9.79 -8.76 21.02
CA LYS C 273 -11.05 -9.44 21.30
C LYS C 273 -12.17 -8.76 20.52
N PRO C 274 -13.12 -9.52 19.97
CA PRO C 274 -14.24 -8.98 19.19
C PRO C 274 -14.99 -7.83 19.86
N GLU C 279 -22.26 -7.55 17.63
CA GLU C 279 -23.40 -7.07 16.85
C GLU C 279 -23.24 -7.35 15.34
N ARG C 280 -23.46 -8.61 14.94
CA ARG C 280 -23.35 -9.00 13.55
C ARG C 280 -24.71 -8.96 12.87
N MET C 281 -24.70 -8.69 11.56
CA MET C 281 -25.93 -8.64 10.80
C MET C 281 -26.51 -10.04 10.66
N THR C 282 -27.81 -10.19 10.93
CA THR C 282 -28.49 -11.45 10.70
C THR C 282 -29.27 -11.41 9.39
N TRP C 283 -29.43 -12.58 8.78
CA TRP C 283 -30.21 -12.72 7.54
C TRP C 283 -31.65 -12.27 7.76
N GLY C 284 -32.21 -12.57 8.94
CA GLY C 284 -33.55 -12.13 9.25
C GLY C 284 -33.68 -10.61 9.23
N GLU C 285 -32.77 -9.91 9.91
CA GLU C 285 -32.87 -8.45 9.92
C GLU C 285 -32.43 -7.83 8.60
N TYR C 286 -31.55 -8.50 7.84
CA TYR C 286 -31.16 -7.98 6.54
C TYR C 286 -32.35 -7.99 5.57
N LYS C 287 -33.06 -9.12 5.48
CA LYS C 287 -34.26 -9.16 4.65
C LYS C 287 -35.26 -8.07 5.04
N LYS C 288 -35.43 -7.84 6.34
CA LYS C 288 -36.38 -6.83 6.81
C LYS C 288 -35.95 -5.44 6.37
N LEU C 289 -34.67 -5.11 6.53
CA LEU C 289 -34.17 -3.81 6.11
C LEU C 289 -34.40 -3.57 4.63
N LEU C 290 -34.39 -4.62 3.82
CA LEU C 290 -34.50 -4.49 2.37
C LEU C 290 -35.82 -4.97 1.80
N ASN C 291 -36.76 -5.45 2.65
CA ASN C 291 -38.10 -5.88 2.20
C ASN C 291 -38.01 -7.04 1.21
N LEU C 292 -37.21 -8.04 1.54
CA LEU C 292 -37.03 -9.17 0.61
C LEU C 292 -38.01 -10.30 0.91
N MET D 35 10.24 45.64 3.07
CA MET D 35 9.29 44.56 3.05
C MET D 35 9.21 43.94 1.63
N ILE D 36 8.16 43.18 1.34
CA ILE D 36 8.11 42.39 0.10
C ILE D 36 7.71 43.31 -1.05
N PRO D 37 8.43 43.31 -2.16
CA PRO D 37 8.07 44.19 -3.28
C PRO D 37 6.68 43.85 -3.81
N LEU D 38 5.91 44.90 -4.12
CA LEU D 38 4.58 44.71 -4.69
C LEU D 38 4.68 44.46 -6.19
N THR D 39 4.07 43.37 -6.64
CA THR D 39 4.09 42.94 -8.03
C THR D 39 2.75 42.27 -8.30
N PRO D 40 2.35 42.16 -9.58
CA PRO D 40 1.14 41.37 -9.89
C PRO D 40 1.19 39.96 -9.33
N LEU D 41 2.33 39.28 -9.38
CA LEU D 41 2.38 37.90 -8.90
C LEU D 41 2.19 37.86 -7.39
N PHE D 42 2.90 38.72 -6.65
CA PHE D 42 2.72 38.79 -5.20
C PHE D 42 1.27 39.07 -4.83
N SER D 43 0.60 39.97 -5.59
CA SER D 43 -0.82 40.20 -5.38
C SER D 43 -1.64 38.93 -5.55
N ARG D 44 -1.36 38.13 -6.58
CA ARG D 44 -2.06 36.85 -6.68
C ARG D 44 -1.73 35.97 -5.47
N TYR D 45 -0.45 35.88 -5.09
CA TYR D 45 -0.05 35.11 -3.93
C TYR D 45 -0.85 35.49 -2.69
N LYS D 46 -0.92 36.80 -2.41
CA LYS D 46 -1.68 37.26 -1.27
C LYS D 46 -3.14 36.80 -1.35
N ASP D 47 -3.77 36.92 -2.51
CA ASP D 47 -5.17 36.53 -2.60
C ASP D 47 -5.33 35.02 -2.42
N SER D 48 -4.50 34.22 -3.08
CA SER D 48 -4.51 32.78 -2.82
C SER D 48 -4.29 32.47 -1.33
N TYR D 49 -3.42 33.23 -0.67
CA TYR D 49 -3.15 32.95 0.74
C TYR D 49 -4.39 33.20 1.58
N LEU D 50 -5.15 34.24 1.23
CA LEU D 50 -6.37 34.52 1.96
C LEU D 50 -7.41 33.42 1.73
N LEU D 51 -7.50 32.92 0.50
CA LEU D 51 -8.40 31.81 0.20
C LEU D 51 -7.97 30.56 0.97
N TYR D 52 -6.67 30.27 0.95
CA TYR D 52 -6.16 29.14 1.73
C TYR D 52 -6.53 29.29 3.20
N SER D 53 -6.29 30.47 3.77
CA SER D 53 -6.64 30.68 5.17
C SER D 53 -8.14 30.55 5.38
N PHE D 54 -8.95 31.10 4.46
CA PHE D 54 -10.40 30.98 4.59
C PHE D 54 -10.83 29.51 4.69
N ARG D 55 -10.33 28.67 3.77
CA ARG D 55 -10.80 27.29 3.81
C ARG D 55 -10.32 26.56 5.06
N LEU D 56 -9.17 26.96 5.63
CA LEU D 56 -8.75 26.34 6.89
C LEU D 56 -9.70 26.72 8.03
N ILE D 57 -10.10 27.97 8.13
CA ILE D 57 -10.99 28.28 9.24
C ILE D 57 -12.39 27.72 8.98
N ASP D 58 -12.75 27.44 7.73
CA ASP D 58 -13.98 26.71 7.49
C ASP D 58 -13.87 25.29 8.03
N LEU D 59 -12.71 24.65 7.83
CA LEU D 59 -12.49 23.33 8.41
C LEU D 59 -12.50 23.40 9.94
N LEU D 60 -11.96 24.50 10.48
CA LEU D 60 -11.97 24.69 11.94
C LEU D 60 -13.39 24.70 12.46
N ARG D 61 -14.25 25.49 11.83
CA ARG D 61 -15.66 25.52 12.21
C ARG D 61 -16.30 24.14 12.09
N ALA D 62 -16.07 23.46 10.97
CA ALA D 62 -16.63 22.14 10.76
C ALA D 62 -16.10 21.11 11.74
N SER D 63 -14.97 21.39 12.40
CA SER D 63 -14.36 20.36 13.23
C SER D 63 -15.18 20.10 14.49
N LYS D 64 -15.28 18.83 14.82
CA LYS D 64 -16.18 18.29 15.82
C LYS D 64 -15.43 17.68 17.00
N SER D 65 -14.10 17.69 16.94
CA SER D 65 -13.28 16.97 17.90
C SER D 65 -12.21 17.92 18.43
N THR D 66 -11.90 17.74 19.72
CA THR D 66 -11.04 18.67 20.44
C THR D 66 -9.64 18.73 19.83
N HIS D 67 -9.06 17.57 19.52
CA HIS D 67 -7.69 17.53 19.02
C HIS D 67 -7.57 18.27 17.70
N LEU D 68 -8.50 18.00 16.78
CA LEU D 68 -8.51 18.68 15.49
C LEU D 68 -8.73 20.17 15.65
N THR D 69 -9.65 20.57 16.54
CA THR D 69 -9.98 21.98 16.69
C THR D 69 -8.78 22.80 17.15
N LYS D 70 -7.98 22.28 18.08
CA LYS D 70 -6.88 23.12 18.56
C LYS D 70 -5.74 23.21 17.55
N LEU D 71 -5.47 22.13 16.80
CA LEU D 71 -4.47 22.21 15.73
C LEU D 71 -4.89 23.22 14.67
N LEU D 72 -6.16 23.17 14.26
CA LEU D 72 -6.62 24.11 13.24
C LEU D 72 -6.67 25.54 13.76
N SER D 73 -7.07 25.72 15.03
CA SER D 73 -7.10 27.09 15.53
C SER D 73 -5.69 27.66 15.67
N SER D 74 -4.70 26.83 15.99
CA SER D 74 -3.31 27.29 15.94
C SER D 74 -2.94 27.71 14.53
N GLN D 75 -3.23 26.86 13.55
CA GLN D 75 -2.85 27.17 12.17
C GLN D 75 -3.52 28.46 11.69
N ALA D 76 -4.81 28.63 12.01
CA ALA D 76 -5.53 29.84 11.60
C ALA D 76 -4.90 31.09 12.22
N THR D 77 -4.63 31.07 13.53
CA THR D 77 -3.96 32.19 14.17
C THR D 77 -2.61 32.48 13.51
N TYR D 78 -1.83 31.43 13.24
CA TYR D 78 -0.56 31.62 12.55
C TYR D 78 -0.76 32.25 11.17
N LEU D 79 -1.72 31.74 10.41
CA LEU D 79 -1.89 32.23 9.03
C LEU D 79 -2.21 33.73 9.01
N TYR D 80 -3.18 34.17 9.82
CA TYR D 80 -3.55 35.59 9.78
C TYR D 80 -2.50 36.46 10.45
N HIS D 81 -1.70 35.89 11.33
CA HIS D 81 -0.55 36.62 11.84
C HIS D 81 0.44 36.93 10.74
N PHE D 82 0.66 36.00 9.79
CA PHE D 82 1.62 36.20 8.71
C PHE D 82 1.02 36.84 7.48
N ALA D 83 -0.07 37.59 7.58
CA ALA D 83 -0.49 38.36 6.42
C ALA D 83 0.41 39.58 6.29
N CYS D 84 0.42 40.16 5.10
CA CYS D 84 1.36 41.24 4.80
C CYS D 84 0.64 42.39 4.10
N LYS D 89 -0.86 47.96 15.42
CA LYS D 89 -1.95 47.16 14.87
C LYS D 89 -2.45 46.10 15.87
N ASP D 90 -2.50 46.46 17.15
CA ASP D 90 -3.03 45.53 18.15
C ASP D 90 -4.53 45.30 17.96
N ILE D 91 -5.25 46.29 17.45
CA ILE D 91 -6.68 46.09 17.19
C ILE D 91 -6.89 44.98 16.17
N GLN D 92 -5.99 44.87 15.18
CA GLN D 92 -6.14 43.85 14.15
C GLN D 92 -5.99 42.45 14.73
N LYS D 93 -5.05 42.28 15.67
CA LYS D 93 -4.90 40.98 16.33
C LYS D 93 -6.14 40.64 17.15
N TYR D 94 -6.69 41.64 17.85
CA TYR D 94 -7.96 41.45 18.54
C TYR D 94 -9.05 41.00 17.57
N GLU D 95 -9.17 41.70 16.43
CA GLU D 95 -10.23 41.37 15.49
C GLU D 95 -10.04 39.97 14.89
N VAL D 96 -8.80 39.63 14.57
CA VAL D 96 -8.50 38.28 14.08
C VAL D 96 -8.87 37.24 15.13
N GLN D 97 -8.45 37.48 16.38
CA GLN D 97 -8.85 36.63 17.50
C GLN D 97 -10.37 36.47 17.55
N GLN D 98 -11.11 37.55 17.34
CA GLN D 98 -12.56 37.44 17.39
C GLN D 98 -13.09 36.64 16.21
N LEU D 99 -12.46 36.79 15.03
CA LEU D 99 -12.85 36.01 13.86
C LEU D 99 -12.68 34.53 14.12
N ILE D 100 -11.55 34.15 14.70
CA ILE D 100 -11.25 32.74 14.92
C ILE D 100 -12.19 32.14 15.96
N GLU D 101 -12.44 32.88 17.04
CA GLU D 101 -13.41 32.41 18.04
C GLU D 101 -14.79 32.23 17.42
N TRP D 102 -15.23 33.19 16.59
CA TRP D 102 -16.51 33.04 15.93
C TRP D 102 -16.54 31.77 15.08
N ALA D 103 -15.45 31.50 14.34
CA ALA D 103 -15.44 30.31 13.49
C ALA D 103 -15.53 29.03 14.32
N ILE D 104 -14.86 28.98 15.47
CA ILE D 104 -14.92 27.80 16.34
C ILE D 104 -16.35 27.51 16.78
N ASN D 105 -17.14 28.54 17.01
CA ASN D 105 -18.51 28.38 17.50
C ASN D 105 -19.55 28.40 16.40
N ALA D 106 -19.14 28.63 15.16
CA ALA D 106 -20.07 28.55 14.03
C ALA D 106 -20.56 27.12 13.87
N SER D 107 -21.81 26.97 13.44
CA SER D 107 -22.44 25.66 13.45
C SER D 107 -21.69 24.69 12.56
N PRO D 108 -21.30 23.52 13.08
CA PRO D 108 -20.59 22.54 12.25
C PRO D 108 -21.44 21.96 11.14
N ASP D 109 -22.74 22.23 11.12
CA ASP D 109 -23.67 21.60 10.19
C ASP D 109 -23.92 22.41 8.92
N MET D 110 -23.51 23.67 8.86
CA MET D 110 -23.79 24.47 7.67
C MET D 110 -22.82 24.11 6.54
N ASP D 111 -23.23 24.42 5.32
CA ASP D 111 -22.49 24.11 4.11
C ASP D 111 -21.33 25.09 3.90
N LEU D 112 -20.41 24.73 2.99
CA LEU D 112 -19.33 25.64 2.64
C LEU D 112 -19.90 26.94 2.08
N GLN D 113 -20.91 26.85 1.20
CA GLN D 113 -21.47 28.06 0.61
C GLN D 113 -22.07 28.96 1.68
N GLN D 114 -22.79 28.38 2.66
CA GLN D 114 -23.36 29.20 3.73
C GLN D 114 -22.26 29.84 4.58
N PHE D 115 -21.25 29.06 4.94
CA PHE D 115 -20.18 29.63 5.75
C PHE D 115 -19.46 30.75 5.01
N ARG D 116 -19.28 30.63 3.69
CA ARG D 116 -18.63 31.71 2.96
C ARG D 116 -19.41 33.03 3.10
N ILE D 117 -20.74 32.96 3.03
CA ILE D 117 -21.55 34.15 3.20
C ILE D 117 -21.35 34.74 4.60
N GLU D 118 -21.46 33.89 5.63
CA GLU D 118 -21.32 34.37 7.01
C GLU D 118 -19.91 34.89 7.29
N PHE D 119 -18.90 34.24 6.71
CA PHE D 119 -17.52 34.68 6.87
C PHE D 119 -17.33 36.10 6.30
N MET D 120 -17.84 36.34 5.08
CA MET D 120 -17.71 37.66 4.49
C MET D 120 -18.42 38.72 5.33
N ASP D 121 -19.63 38.41 5.82
CA ASP D 121 -20.31 39.27 6.80
C ASP D 121 -19.43 39.52 8.02
N LYS D 122 -18.91 38.45 8.64
CA LYS D 122 -18.21 38.64 9.91
C LYS D 122 -16.93 39.45 9.72
N THR D 123 -16.18 39.21 8.62
CA THR D 123 -14.98 39.99 8.39
C THR D 123 -15.33 41.44 8.07
N THR D 124 -16.48 41.70 7.46
CA THR D 124 -16.89 43.08 7.30
C THR D 124 -17.18 43.70 8.67
N GLU D 125 -18.00 43.01 9.48
CA GLU D 125 -18.35 43.52 10.80
C GLU D 125 -17.12 43.76 11.68
N LEU D 126 -16.06 42.98 11.47
CA LEU D 126 -14.83 43.10 12.24
C LEU D 126 -13.84 44.07 11.62
N ASN D 127 -14.18 44.72 10.51
CA ASN D 127 -13.28 45.60 9.78
C ASN D 127 -12.03 44.85 9.28
N LEU D 128 -12.20 43.58 8.90
CA LEU D 128 -11.13 42.79 8.29
C LEU D 128 -11.40 42.54 6.81
N ARG D 129 -11.74 43.60 6.08
CA ARG D 129 -11.85 43.47 4.63
C ARG D 129 -10.56 42.94 4.03
N SER D 130 -9.43 43.22 4.69
CA SER D 130 -8.13 42.70 4.29
C SER D 130 -8.05 41.18 4.35
N CYS D 131 -8.96 40.51 5.04
CA CYS D 131 -8.89 39.06 5.14
C CYS D 131 -9.78 38.35 4.14
N GLN D 132 -10.52 39.11 3.31
CA GLN D 132 -11.49 38.51 2.38
C GLN D 132 -10.81 38.16 1.07
N PRO D 133 -10.86 36.90 0.62
CA PRO D 133 -10.38 36.59 -0.73
C PRO D 133 -11.23 37.27 -1.78
N LYS D 134 -10.60 37.56 -2.91
CA LYS D 134 -11.28 38.07 -4.08
C LYS D 134 -11.82 36.96 -4.96
N SER D 135 -11.21 35.78 -4.90
CA SER D 135 -11.66 34.63 -5.65
C SER D 135 -11.74 33.45 -4.69
N PHE D 136 -12.81 32.65 -4.81
CA PHE D 136 -12.98 31.49 -3.95
C PHE D 136 -12.73 30.17 -4.67
N THR D 137 -12.18 30.22 -5.88
CA THR D 137 -11.86 29.02 -6.64
C THR D 137 -10.57 28.41 -6.11
N TYR D 138 -10.70 27.30 -5.38
CA TYR D 138 -9.56 26.66 -4.73
C TYR D 138 -8.95 25.64 -5.69
N THR D 139 -7.67 25.78 -6.00
CA THR D 139 -7.00 24.87 -6.92
C THR D 139 -5.63 24.47 -6.35
N PHE D 140 -4.91 23.59 -7.06
CA PHE D 140 -3.50 23.37 -6.75
C PHE D 140 -2.73 24.67 -6.70
N THR D 141 -3.06 25.60 -7.59
CA THR D 141 -2.36 26.88 -7.64
C THR D 141 -2.56 27.66 -6.36
N THR D 142 -3.74 27.55 -5.73
CA THR D 142 -3.95 28.17 -4.43
C THR D 142 -2.90 27.71 -3.44
N ILE D 143 -2.63 26.40 -3.40
CA ILE D 143 -1.66 25.86 -2.43
C ILE D 143 -0.24 26.31 -2.79
N TRP D 144 0.15 26.19 -4.06
CA TRP D 144 1.49 26.64 -4.44
C TRP D 144 1.70 28.11 -4.09
N ASP D 145 0.72 28.95 -4.43
CA ASP D 145 0.79 30.37 -4.15
C ASP D 145 0.97 30.64 -2.65
N THR D 146 0.27 29.88 -1.82
CA THR D 146 0.39 30.04 -0.36
C THR D 146 1.78 29.64 0.12
N MET D 147 2.30 28.53 -0.39
CA MET D 147 3.66 28.14 -0.04
C MET D 147 4.68 29.20 -0.46
N HIS D 148 4.51 29.77 -1.65
CA HIS D 148 5.45 30.78 -2.12
C HIS D 148 5.30 32.08 -1.34
N PHE D 149 4.07 32.44 -0.99
CA PHE D 149 3.81 33.56 -0.09
C PHE D 149 4.54 33.40 1.25
N LEU D 150 4.27 32.30 1.97
CA LEU D 150 4.93 32.07 3.25
C LEU D 150 6.44 32.10 3.11
N SER D 151 6.97 31.57 1.99
CA SER D 151 8.41 31.63 1.73
C SER D 151 8.91 33.06 1.66
N LEU D 152 8.17 33.92 0.95
CA LEU D 152 8.54 35.33 0.88
C LEU D 152 8.46 35.99 2.25
N ILE D 153 7.47 35.59 3.05
CA ILE D 153 7.33 36.13 4.40
C ILE D 153 8.52 35.74 5.26
N ILE D 154 8.92 34.47 5.21
CA ILE D 154 10.10 34.03 5.96
C ILE D 154 11.30 34.88 5.58
N ASP D 155 11.55 35.01 4.27
CA ASP D 155 12.70 35.79 3.81
C ASP D 155 12.64 37.22 4.32
N ASP D 156 11.45 37.80 4.33
CA ASP D 156 11.29 39.18 4.77
C ASP D 156 11.48 39.30 6.28
N MET D 157 10.96 38.35 7.05
CA MET D 157 11.17 38.36 8.50
C MET D 157 12.65 38.35 8.85
N VAL D 158 13.41 37.52 8.17
CA VAL D 158 14.85 37.46 8.41
C VAL D 158 15.49 38.77 7.97
N TYR D 159 15.11 39.25 6.78
CA TYR D 159 15.70 40.46 6.23
C TYR D 159 15.51 41.66 7.14
N THR D 160 14.31 41.80 7.73
CA THR D 160 13.96 42.98 8.52
C THR D 160 14.04 42.71 10.02
N ARG D 161 14.88 41.76 10.44
CA ARG D 161 14.98 41.44 11.85
C ARG D 161 15.69 42.55 12.61
N ASP D 162 15.43 42.61 13.91
CA ASP D 162 16.20 43.46 14.82
C ASP D 162 17.09 42.57 15.67
N LYS D 163 18.28 43.07 16.00
CA LYS D 163 19.19 42.36 16.89
C LYS D 163 18.53 41.99 18.21
N SER D 164 17.55 42.77 18.66
CA SER D 164 16.88 42.44 19.91
C SER D 164 15.76 41.42 19.71
N SER D 165 15.19 41.33 18.52
CA SER D 165 14.06 40.46 18.27
C SER D 165 14.46 39.13 17.62
N LEU D 166 15.68 38.64 17.90
CA LEU D 166 16.13 37.38 17.30
C LEU D 166 15.33 36.20 17.85
N ASP D 167 15.14 36.15 19.17
CA ASP D 167 14.38 35.03 19.73
C ASP D 167 12.94 35.05 19.23
N PHE D 168 12.40 36.24 18.98
CA PHE D 168 11.08 36.37 18.39
C PHE D 168 11.03 35.80 16.97
N VAL D 169 11.99 36.18 16.13
CA VAL D 169 12.01 35.63 14.77
C VAL D 169 12.19 34.11 14.82
N MET D 170 13.03 33.62 15.72
CA MET D 170 13.24 32.18 15.84
C MET D 170 11.95 31.47 16.25
N GLN D 171 11.18 32.05 17.17
CA GLN D 171 9.91 31.44 17.54
C GLN D 171 8.90 31.50 16.39
N GLN D 172 8.91 32.59 15.62
CA GLN D 172 8.03 32.69 14.47
C GLN D 172 8.35 31.62 13.41
N LEU D 173 9.60 31.23 13.29
CA LEU D 173 9.94 30.19 12.32
C LEU D 173 9.47 28.81 12.77
N LYS D 174 9.49 28.53 14.08
CA LYS D 174 8.89 27.29 14.57
C LYS D 174 7.43 27.21 14.16
N THR D 175 6.73 28.33 14.23
CA THR D 175 5.35 28.39 13.79
C THR D 175 5.21 28.18 12.29
N MET D 176 6.12 28.78 11.51
CA MET D 176 6.10 28.57 10.06
C MET D 176 6.18 27.10 9.70
N LYS D 177 7.09 26.35 10.35
CA LYS D 177 7.25 24.93 10.05
C LYS D 177 5.93 24.18 10.24
N VAL D 178 5.14 24.59 11.23
CA VAL D 178 3.85 23.96 11.47
C VAL D 178 2.93 24.20 10.29
N LEU D 179 2.98 25.40 9.72
CA LEU D 179 2.15 25.68 8.56
C LEU D 179 2.54 24.81 7.36
N PHE D 180 3.79 24.34 7.32
CA PHE D 180 4.21 23.47 6.23
C PHE D 180 4.01 21.98 6.54
N TYR D 181 3.46 21.65 7.70
CA TYR D 181 3.31 20.25 8.09
C TYR D 181 2.52 19.45 7.07
N ASN D 182 1.42 20.00 6.56
CA ASN D 182 0.55 19.27 5.62
C ASN D 182 -0.32 20.31 4.91
N VAL D 183 -0.02 20.56 3.64
CA VAL D 183 -0.74 21.61 2.93
C VAL D 183 -1.96 21.03 2.22
N PHE D 184 -2.24 19.74 2.44
CA PHE D 184 -3.43 19.11 1.85
C PHE D 184 -4.54 18.82 2.88
N PHE D 185 -4.76 19.76 3.81
CA PHE D 185 -5.89 19.63 4.72
C PHE D 185 -7.23 19.82 4.00
N ILE D 186 -7.23 20.58 2.91
CA ILE D 186 -8.46 20.92 2.18
C ILE D 186 -8.51 20.20 0.86
N LEU D 187 -7.55 20.45 -0.01
CA LEU D 187 -7.56 19.84 -1.34
C LEU D 187 -7.38 18.33 -1.23
N GLN D 188 -8.27 17.58 -1.88
CA GLN D 188 -8.24 16.12 -1.81
C GLN D 188 -7.38 15.58 -2.95
N CYS D 189 -6.20 15.05 -2.59
CA CYS D 189 -5.34 14.36 -3.55
C CYS D 189 -4.45 13.44 -2.72
N ALA D 190 -4.87 12.17 -2.57
CA ALA D 190 -4.15 11.27 -1.70
C ALA D 190 -2.70 11.10 -2.15
N MET D 191 -2.48 10.95 -3.47
CA MET D 191 -1.12 10.76 -3.97
C MET D 191 -0.24 11.98 -3.68
N CYS D 192 -0.77 13.19 -3.94
CA CYS D 192 -0.03 14.42 -3.65
C CYS D 192 0.26 14.55 -2.17
N ARG D 193 -0.72 14.22 -1.32
CA ARG D 193 -0.53 14.34 0.12
C ARG D 193 0.50 13.33 0.61
N ASP D 194 0.38 12.07 0.18
CA ASP D 194 1.37 11.06 0.55
C ASP D 194 2.77 11.46 0.11
N HIS D 195 2.90 11.97 -1.12
CA HIS D 195 4.19 12.41 -1.63
C HIS D 195 4.71 13.61 -0.84
N TYR D 196 3.84 14.58 -0.55
CA TYR D 196 4.28 15.76 0.21
C TYR D 196 4.82 15.37 1.57
N MET D 197 4.15 14.46 2.28
CA MET D 197 4.65 14.06 3.60
C MET D 197 6.04 13.46 3.51
N ASN D 198 6.38 12.84 2.38
CA ASN D 198 7.72 12.28 2.19
C ASN D 198 8.77 13.35 1.87
N VAL D 199 8.46 14.36 1.05
CA VAL D 199 9.50 15.27 0.57
C VAL D 199 9.41 16.67 1.17
N LYS D 200 8.38 16.97 1.96
CA LYS D 200 8.25 18.31 2.53
C LYS D 200 9.48 18.72 3.34
N GLY D 201 10.20 17.75 3.90
CA GLY D 201 11.41 18.04 4.68
C GLY D 201 12.47 18.83 3.93
N PHE D 202 12.44 18.79 2.60
CA PHE D 202 13.34 19.65 1.83
C PHE D 202 13.11 21.14 2.13
N ILE D 203 11.84 21.54 2.22
CA ILE D 203 11.53 22.92 2.58
C ILE D 203 11.85 23.17 4.05
N ILE D 204 11.39 22.28 4.94
CA ILE D 204 11.48 22.52 6.37
C ILE D 204 12.93 22.53 6.82
N TYR D 205 13.73 21.63 6.24
CA TYR D 205 15.17 21.61 6.50
C TYR D 205 15.78 22.98 6.30
N HIS D 206 15.35 23.70 5.27
CA HIS D 206 15.91 25.02 4.99
C HIS D 206 15.40 26.08 5.98
N ILE D 207 14.15 25.95 6.44
CA ILE D 207 13.75 26.83 7.54
C ILE D 207 14.65 26.59 8.74
N GLU D 208 15.00 25.34 9.02
CA GLU D 208 15.87 25.07 10.17
C GLU D 208 17.29 25.58 9.93
N LEU D 209 17.76 25.60 8.68
CA LEU D 209 19.04 26.27 8.42
C LEU D 209 18.97 27.75 8.77
N ILE D 210 17.81 28.37 8.59
CA ILE D 210 17.66 29.78 8.97
C ILE D 210 17.64 29.93 10.49
N GLU D 211 16.94 29.02 11.19
CA GLU D 211 17.00 29.05 12.65
C GLU D 211 18.43 28.90 13.14
N ILE D 212 19.20 28.01 12.52
CA ILE D 212 20.60 27.81 12.91
C ILE D 212 21.40 29.10 12.68
N ALA D 213 21.13 29.78 11.56
CA ALA D 213 21.83 31.03 11.26
C ALA D 213 21.52 32.10 12.29
N LEU D 214 20.24 32.22 12.68
CA LEU D 214 19.86 33.20 13.69
C LEU D 214 20.48 32.86 15.04
N ASP D 215 20.54 31.57 15.39
CA ASP D 215 21.17 31.14 16.64
C ASP D 215 22.64 31.54 16.69
N LYS D 216 23.38 31.31 15.59
CA LYS D 216 24.79 31.70 15.54
C LYS D 216 24.93 33.22 15.69
N GLU D 217 24.04 33.99 15.08
CA GLU D 217 24.07 35.44 15.25
C GLU D 217 23.79 35.81 16.70
N LYS D 218 22.80 35.18 17.31
CA LYS D 218 22.53 35.38 18.72
C LYS D 218 23.79 35.20 19.55
N TYR D 219 24.62 34.22 19.20
CA TYR D 219 25.78 33.90 20.00
C TYR D 219 27.08 34.48 19.43
N GLY D 220 27.02 35.51 18.60
CA GLY D 220 28.18 36.31 18.26
C GLY D 220 28.56 36.36 16.80
N THR D 221 28.06 35.45 15.95
CA THR D 221 28.51 35.39 14.55
C THR D 221 27.39 35.89 13.65
N ASP D 222 27.51 37.15 13.22
CA ASP D 222 26.50 37.79 12.39
C ASP D 222 26.24 37.00 11.11
N ILE D 223 25.03 37.13 10.58
CA ILE D 223 24.70 36.53 9.28
C ILE D 223 25.38 37.32 8.18
N THR D 224 26.09 36.62 7.29
CA THR D 224 26.54 37.21 6.04
C THR D 224 25.61 36.76 4.91
N PHE D 225 24.90 37.70 4.31
CA PHE D 225 23.99 37.35 3.21
C PHE D 225 24.76 37.20 1.90
N VAL D 226 24.41 36.17 1.14
CA VAL D 226 25.07 35.85 -0.11
C VAL D 226 24.05 35.73 -1.23
N ASP D 227 24.50 35.97 -2.46
CA ASP D 227 23.62 36.03 -3.62
C ASP D 227 23.27 34.66 -4.20
N SER D 228 24.01 33.61 -3.88
CA SER D 228 23.77 32.32 -4.50
C SER D 228 23.57 31.23 -3.45
N TYR D 229 22.75 30.24 -3.81
CA TYR D 229 22.58 29.08 -2.97
C TYR D 229 23.89 28.33 -2.83
N GLN D 230 24.73 28.37 -3.87
CA GLN D 230 26.01 27.69 -3.86
C GLN D 230 26.94 28.28 -2.82
N GLN D 231 26.97 29.62 -2.68
CA GLN D 231 27.78 30.20 -1.61
C GLN D 231 27.32 29.68 -0.25
N GLU D 232 26.00 29.69 -0.03
CA GLU D 232 25.47 29.17 1.22
C GLU D 232 25.92 27.75 1.49
N THR D 233 25.69 26.82 0.55
CA THR D 233 25.95 25.42 0.85
C THR D 233 27.45 25.16 1.00
N ALA D 234 28.30 25.83 0.22
CA ALA D 234 29.74 25.59 0.34
C ALA D 234 30.31 26.18 1.62
N GLY D 235 29.86 27.37 2.01
CA GLY D 235 30.39 28.00 3.22
C GLY D 235 30.12 27.22 4.49
N ALA D 236 29.11 26.33 4.47
CA ALA D 236 28.80 25.47 5.61
C ALA D 236 29.77 24.29 5.73
N ASP D 237 30.51 23.97 4.67
CA ASP D 237 31.37 22.78 4.64
C ASP D 237 32.80 23.15 5.06
N VAL D 238 32.91 23.53 6.33
CA VAL D 238 34.18 23.88 6.97
C VAL D 238 34.24 23.19 8.32
N ALA D 239 35.46 22.83 8.75
CA ALA D 239 35.59 22.01 9.95
C ALA D 239 35.21 22.79 11.20
N VAL D 240 35.72 24.01 11.32
CA VAL D 240 35.33 24.91 12.41
C VAL D 240 35.71 26.31 11.97
N VAL D 241 34.70 27.15 11.70
CA VAL D 241 34.95 28.49 11.21
C VAL D 241 33.74 29.34 11.51
N SER D 242 33.99 30.60 11.85
CA SER D 242 32.94 31.57 12.17
C SER D 242 32.45 32.25 10.89
N ASN D 243 31.97 31.42 9.96
CA ASN D 243 31.17 31.90 8.84
C ASN D 243 29.70 31.54 9.08
N ASN D 244 28.83 32.42 8.62
CA ASN D 244 27.39 32.32 8.85
C ASN D 244 26.68 32.82 7.60
N MET D 245 26.92 32.16 6.47
CA MET D 245 26.41 32.64 5.20
C MET D 245 24.99 32.14 4.97
N LEU D 246 24.10 33.06 4.58
CA LEU D 246 22.71 32.77 4.30
C LEU D 246 22.36 33.34 2.94
N MET D 247 21.75 32.52 2.09
CA MET D 247 21.34 33.01 0.79
C MET D 247 20.24 34.05 0.94
N LYS D 248 20.38 35.18 0.27
CA LYS D 248 19.31 36.16 0.18
C LYS D 248 18.16 35.60 -0.65
N ASN D 249 16.94 35.78 -0.15
CA ASN D 249 15.73 35.19 -0.73
C ASN D 249 15.80 33.67 -0.76
N LEU D 250 16.35 33.08 0.31
CA LEU D 250 16.59 31.64 0.29
C LEU D 250 15.31 30.85 0.08
N MET D 251 14.24 31.19 0.79
CA MET D 251 13.06 30.34 0.75
C MET D 251 12.29 30.54 -0.55
N ALA D 252 12.38 31.72 -1.15
CA ALA D 252 11.85 31.88 -2.49
C ALA D 252 12.55 30.93 -3.46
N TYR D 253 13.87 30.79 -3.35
CA TYR D 253 14.58 29.86 -4.20
C TYR D 253 14.23 28.42 -3.85
N VAL D 254 14.14 28.12 -2.56
CA VAL D 254 13.91 26.75 -2.13
C VAL D 254 12.54 26.29 -2.59
N SER D 255 11.52 27.13 -2.41
CA SER D 255 10.16 26.75 -2.82
C SER D 255 10.03 26.67 -4.33
N MET D 256 10.70 27.57 -5.06
CA MET D 256 10.72 27.47 -6.52
C MET D 256 11.34 26.16 -6.99
N THR D 257 12.49 25.79 -6.43
CA THR D 257 13.12 24.50 -6.75
C THR D 257 12.20 23.33 -6.38
N PHE D 258 11.61 23.37 -5.18
CA PHE D 258 10.69 22.32 -4.77
C PHE D 258 9.52 22.19 -5.75
N HIS D 259 8.91 23.32 -6.11
CA HIS D 259 7.80 23.36 -7.08
C HIS D 259 8.21 22.74 -8.40
N ASN D 260 9.41 23.10 -8.91
CA ASN D 260 9.89 22.52 -10.15
C ASN D 260 10.01 21.00 -10.03
N ASP D 261 10.61 20.52 -8.93
CA ASP D 261 10.84 19.09 -8.76
C ASP D 261 9.55 18.30 -8.72
N ILE D 262 8.54 18.81 -8.01
CA ILE D 262 7.25 18.13 -7.94
C ILE D 262 6.69 17.95 -9.34
N ASN D 263 6.77 19.01 -10.17
CA ASN D 263 6.22 18.91 -11.51
C ASN D 263 7.08 18.03 -12.41
N ASP D 264 8.39 17.89 -12.13
CA ASP D 264 9.17 16.89 -12.86
C ASP D 264 8.77 15.48 -12.43
N TYR D 265 8.57 15.27 -11.13
CA TYR D 265 8.35 13.92 -10.61
C TYR D 265 6.98 13.39 -11.00
N LYS D 266 6.00 14.28 -11.19
CA LYS D 266 4.66 13.79 -11.48
C LYS D 266 4.62 13.02 -12.80
N TRP D 267 5.62 13.19 -13.67
CA TRP D 267 5.68 12.37 -14.88
C TRP D 267 6.16 10.96 -14.58
N ILE D 268 7.06 10.79 -13.59
CA ILE D 268 7.43 9.44 -13.15
C ILE D 268 6.24 8.74 -12.51
N GLN D 269 5.46 9.48 -11.71
CA GLN D 269 4.23 8.93 -11.14
C GLN D 269 3.26 8.44 -12.20
N ARG D 270 3.19 9.13 -13.34
CA ARG D 270 2.24 8.79 -14.38
C ARG D 270 2.81 7.86 -15.44
N ASN D 271 4.07 7.45 -15.31
CA ASN D 271 4.73 6.59 -16.29
C ASN D 271 4.68 7.20 -17.68
N LYS D 272 4.97 8.50 -17.77
CA LYS D 272 4.95 9.24 -19.02
C LYS D 272 6.27 9.94 -19.24
N LYS D 273 6.65 10.09 -20.49
CA LYS D 273 7.75 10.97 -20.83
C LYS D 273 7.32 12.41 -20.59
N PRO D 274 8.19 13.27 -20.06
CA PRO D 274 7.84 14.68 -19.88
C PRO D 274 7.56 15.33 -21.23
N PRO D 275 6.57 16.21 -21.31
CA PRO D 275 6.19 16.78 -22.62
C PRO D 275 7.29 17.63 -23.23
N ALA D 276 7.16 17.83 -24.55
CA ALA D 276 8.13 18.63 -25.29
C ALA D 276 8.07 20.09 -24.85
N HIS D 277 9.20 20.60 -24.35
CA HIS D 277 9.36 22.03 -24.06
C HIS D 277 8.36 22.51 -23.00
N TYR D 278 8.25 21.73 -21.92
CA TYR D 278 7.44 22.13 -20.76
C TYR D 278 8.37 22.89 -19.82
N GLU D 279 8.60 24.15 -20.16
CA GLU D 279 9.63 24.94 -19.51
C GLU D 279 9.41 24.99 -18.00
N ARG D 280 10.52 25.02 -17.29
CA ARG D 280 10.50 25.15 -15.85
C ARG D 280 10.74 26.61 -15.49
N MET D 281 10.47 26.94 -14.24
CA MET D 281 10.81 28.25 -13.74
C MET D 281 12.31 28.27 -13.47
N THR D 282 12.97 29.33 -13.93
CA THR D 282 14.35 29.55 -13.55
C THR D 282 14.41 30.63 -12.48
N TRP D 283 15.46 30.58 -11.66
CA TRP D 283 15.64 31.56 -10.59
C TRP D 283 15.69 32.99 -11.15
N GLY D 284 16.38 33.19 -12.27
CA GLY D 284 16.43 34.51 -12.87
C GLY D 284 15.07 35.02 -13.29
N GLU D 285 14.29 34.18 -13.96
CA GLU D 285 12.92 34.56 -14.31
C GLU D 285 12.07 34.79 -13.06
N TYR D 286 12.25 33.95 -12.03
CA TYR D 286 11.40 34.06 -10.83
C TYR D 286 11.67 35.34 -10.06
N LYS D 287 12.95 35.67 -9.83
CA LYS D 287 13.28 36.95 -9.20
C LYS D 287 12.73 38.12 -10.01
N LYS D 288 12.72 38.01 -11.33
CA LYS D 288 12.14 39.05 -12.17
C LYS D 288 10.66 39.22 -11.88
N LEU D 289 9.91 38.11 -11.85
CA LEU D 289 8.47 38.19 -11.65
C LEU D 289 8.13 38.87 -10.33
N LEU D 290 8.99 38.70 -9.33
CA LEU D 290 8.72 39.16 -7.98
C LEU D 290 9.53 40.36 -7.60
N ASN D 291 10.39 40.86 -8.49
CA ASN D 291 11.20 42.04 -8.24
C ASN D 291 12.11 41.86 -7.01
N LEU D 292 12.67 40.66 -6.85
CA LEU D 292 13.54 40.38 -5.72
C LEU D 292 14.95 40.91 -6.00
N GLN D 293 15.49 41.70 -5.07
CA GLN D 293 16.86 42.20 -5.22
C GLN D 293 17.77 41.54 -4.19
PA FAD E . -11.24 -35.60 -12.36
O1A FAD E . -12.40 -34.66 -12.14
O2A FAD E . -9.92 -34.85 -12.29
O5B FAD E . -11.21 -36.76 -11.17
C5B FAD E . -10.00 -37.37 -10.97
C4B FAD E . -10.13 -38.17 -9.64
O4B FAD E . -10.74 -37.45 -8.72
C3B FAD E . -11.00 -39.40 -9.92
O3B FAD E . -10.45 -40.43 -9.23
C2B FAD E . -12.35 -39.00 -9.29
O2B FAD E . -13.06 -40.22 -8.83
C1B FAD E . -12.04 -38.25 -8.27
N9A FAD E . -13.08 -37.27 -8.04
C8A FAD E . -14.01 -36.96 -8.95
N7A FAD E . -14.80 -36.01 -8.46
C5A FAD E . -14.34 -35.72 -7.22
C6A FAD E . -14.81 -34.82 -6.28
N6A FAD E . -15.95 -33.89 -6.36
N1A FAD E . -14.19 -34.70 -5.11
C2A FAD E . -13.10 -35.46 -4.84
N3A FAD E . -12.65 -36.36 -5.78
C4A FAD E . -13.29 -36.49 -6.96
N1 FAD E . -11.37 -28.42 -16.75
C2 FAD E . -12.18 -27.61 -17.68
O2 FAD E . -12.59 -28.12 -18.67
N3 FAD E . -12.45 -26.18 -17.34
C4 FAD E . -11.92 -25.60 -16.10
O4 FAD E . -12.13 -24.48 -15.80
C4X FAD E . -11.11 -26.46 -15.16
N5 FAD E . -10.57 -25.91 -13.92
C5X FAD E . -9.76 -26.75 -13.00
C6 FAD E . -9.25 -26.21 -11.80
C7 FAD E . -8.49 -27.02 -10.92
C7M FAD E . -8.03 -26.24 -9.69
C8 FAD E . -8.23 -28.36 -11.26
C8M FAD E . -7.36 -29.26 -10.30
C9 FAD E . -8.76 -28.88 -12.45
C9A FAD E . -9.52 -28.08 -13.33
N10 FAD E . -10.08 -28.64 -14.59
C10 FAD E . -10.86 -27.83 -15.50
C1' FAD E . -9.84 -30.05 -14.93
C2' FAD E . -11.16 -30.81 -14.57
O2' FAD E . -11.60 -30.44 -13.32
C3' FAD E . -10.97 -32.35 -14.63
O3' FAD E . -9.89 -32.76 -13.87
C4' FAD E . -10.75 -32.84 -16.09
O4' FAD E . -11.73 -32.33 -16.93
C5' FAD E . -10.79 -34.39 -16.08
O5' FAD E . -12.13 -34.78 -15.80
P FAD E . -12.39 -36.22 -14.98
O1P FAD E . -13.75 -36.23 -14.27
O2P FAD E . -12.31 -37.40 -15.91
O3P FAD E . -11.20 -36.36 -13.84
C1 GOL F . -0.41 -22.86 -14.14
O1 GOL F . -0.51 -21.73 -13.32
C2 GOL F . 0.91 -22.98 -14.89
O2 GOL F . 1.98 -23.55 -14.14
C3 GOL F . 1.27 -21.64 -15.48
O3 GOL F . 0.66 -20.68 -14.64
PA FAD G . 27.01 11.01 16.29
O1A FAD G . 26.64 12.23 15.45
O2A FAD G . 25.82 10.21 16.77
O5B FAD G . 27.89 9.92 15.40
C5B FAD G . 29.21 9.85 15.78
C4B FAD G . 29.84 9.08 14.60
O4B FAD G . 29.35 9.57 13.47
C3B FAD G . 31.33 9.35 14.66
O3B FAD G . 31.97 8.32 14.09
C2B FAD G . 31.45 10.57 13.74
O2B FAD G . 32.82 10.52 13.17
C1B FAD G . 30.57 10.33 12.80
N9A FAD G . 30.03 11.57 12.24
C8A FAD G . 29.89 12.73 12.90
N7A FAD G . 29.35 13.60 12.05
C5A FAD G . 29.16 12.97 10.85
C6A FAD G . 28.64 13.40 9.64
N6A FAD G . 28.13 14.72 9.25
N1A FAD G . 28.54 12.57 8.61
C2A FAD G . 28.96 11.30 8.75
N3A FAD G . 29.48 10.87 9.94
C4A FAD G . 29.57 11.71 10.99
N1 FAD G . 19.51 14.19 19.00
C2 FAD G . 18.81 15.38 19.54
O2 FAD G . 19.15 15.82 20.58
N3 FAD G . 17.68 15.97 18.76
C4 FAD G . 17.29 15.40 17.49
O4 FAD G . 16.41 15.86 16.85
C4X FAD G . 18.02 14.20 16.94
N5 FAD G . 17.61 13.64 15.68
C5X FAD G . 18.31 12.46 15.11
C6 FAD G . 17.91 11.92 13.87
C7 FAD G . 18.59 10.79 13.34
C7M FAD G . 18.02 10.35 11.98
C8 FAD G . 19.65 10.22 14.08
C8M FAD G . 20.40 8.95 13.56
C9 FAD G . 20.01 10.78 15.31
C9A FAD G . 19.35 11.90 15.83
N10 FAD G . 19.76 12.47 17.16
C10 FAD G . 19.11 13.63 17.70
C1' FAD G . 20.90 11.89 17.90
C2' FAD G . 22.15 12.75 17.48
O2' FAD G . 22.18 13.00 16.12
C3' FAD G . 23.49 12.06 17.85
O3' FAD G . 23.53 10.83 17.19
C4' FAD G . 23.68 11.92 19.38
O4' FAD G . 23.50 13.15 20.01
C5' FAD G . 25.10 11.36 19.66
O5' FAD G . 25.91 12.42 19.19
P FAD G . 27.55 12.29 18.87
O1P FAD G . 28.11 13.68 18.58
O2P FAD G . 28.34 11.73 20.02
O3P FAD G . 27.99 11.37 17.56
PA FAD H . -19.49 -1.76 8.19
O1A FAD H . -20.19 -2.45 9.36
O2A FAD H . -18.53 -2.78 7.59
O5B FAD H . -20.62 -1.27 7.06
C5B FAD H . -21.38 -0.15 7.36
C4B FAD H . -22.83 -0.38 6.84
O4B FAD H . -22.96 -1.61 6.36
C3B FAD H . -23.78 -0.23 8.03
O3B FAD H . -24.96 0.25 7.60
C2B FAD H . -23.93 -1.71 8.46
O2B FAD H . -25.18 -1.85 9.25
C1B FAD H . -24.00 -2.35 7.34
N9A FAD H . -23.60 -3.73 7.51
C8A FAD H . -22.84 -4.18 8.51
N7A FAD H . -22.67 -5.51 8.36
C5A FAD H . -23.32 -5.87 7.23
C6A FAD H . -23.47 -7.10 6.61
N6A FAD H . -22.97 -8.43 6.96
N1A FAD H . -24.17 -7.22 5.50
C2A FAD H . -24.76 -6.12 4.97
N3A FAD H . -24.61 -4.91 5.59
C4A FAD H . -23.89 -4.79 6.72
N1 FAD H . -11.23 -3.78 7.09
C2 FAD H . -10.10 -4.35 7.84
O2 FAD H . -9.83 -3.87 8.89
N3 FAD H . -9.36 -5.51 7.24
C4 FAD H . -9.76 -6.05 5.93
O4 FAD H . -9.18 -6.96 5.46
C4X FAD H . -10.93 -5.44 5.18
N5 FAD H . -11.37 -5.95 3.88
C5X FAD H . -12.53 -5.31 3.19
C6 FAD H . -12.97 -5.79 1.95
C7 FAD H . -14.07 -5.18 1.30
C7M FAD H . -14.37 -5.84 -0.03
C8 FAD H . -14.74 -4.10 1.89
C8M FAD H . -15.95 -3.43 1.14
C9 FAD H . -14.29 -3.63 3.15
C9A FAD H . -13.21 -4.23 3.79
N10 FAD H . -12.73 -3.73 5.13
C10 FAD H . -11.63 -4.34 5.80
C1' FAD H . -13.42 -2.60 5.81
C2' FAD H . -14.38 -3.24 6.88
O2' FAD H . -15.09 -4.28 6.33
C3' FAD H . -15.36 -2.20 7.46
O3' FAD H . -16.09 -1.57 6.46
C4' FAD H . -14.58 -1.16 8.29
O4' FAD H . -13.84 -1.80 9.28
C5' FAD H . -15.58 -0.18 8.93
O5' FAD H . -16.31 -0.90 9.90
P FAD H . -17.88 -0.40 10.20
O1P FAD H . -18.56 -1.34 11.19
O2P FAD H . -17.88 0.99 10.77
O3P FAD H . -18.69 -0.41 8.74
C1 GOL I . -17.30 -18.67 -18.83
O1 GOL I . -17.18 -18.41 -20.20
C2 GOL I . -16.04 -18.13 -18.16
O2 GOL I . -15.14 -17.78 -19.18
C3 GOL I . -16.41 -16.90 -17.35
O3 GOL I . -15.98 -17.08 -16.01
PA FAD J . 1.24 24.59 -11.44
O1A FAD J . 2.61 24.19 -10.96
O2A FAD J . 0.14 24.00 -10.56
O5B FAD J . 0.92 26.22 -11.20
C5B FAD J . 1.18 27.04 -12.26
C4B FAD J . 1.45 28.42 -11.61
O4B FAD J . 2.50 28.30 -10.83
C3B FAD J . 1.83 29.32 -12.78
O3B FAD J . 1.68 30.60 -12.41
C2B FAD J . 3.32 28.95 -12.90
O2B FAD J . 4.03 29.97 -13.69
C1B FAD J . 3.72 28.94 -11.65
N9A FAD J . 4.89 28.12 -11.49
C8A FAD J . 5.19 27.06 -12.25
N7A FAD J . 6.34 26.55 -11.81
C5A FAD J . 6.76 27.29 -10.76
C6A FAD J . 7.87 27.21 -9.93
N6A FAD J . 8.97 26.22 -9.97
N1A FAD J . 8.06 28.07 -8.93
C2A FAD J . 7.15 29.06 -8.74
N3A FAD J . 6.04 29.15 -9.55
C4A FAD J . 5.86 28.25 -10.55
N1 FAD J . 0.50 16.47 -8.98
C2 FAD J . 0.80 15.04 -9.31
O2 FAD J . 0.40 14.60 -10.35
N3 FAD J . 1.59 14.23 -8.35
C4 FAD J . 2.05 14.83 -7.09
O4 FAD J . 2.68 14.19 -6.30
C4X FAD J . 1.74 16.28 -6.77
N5 FAD J . 2.18 16.89 -5.53
C5X FAD J . 1.88 18.31 -5.19
C6 FAD J . 2.31 18.90 -4.00
C7 FAD J . 2.02 20.25 -3.70
C7M FAD J . 2.60 20.67 -2.34
C8 FAD J . 1.26 21.00 -4.62
C8M FAD J . 0.86 22.50 -4.34
C9 FAD J . 0.84 20.39 -5.81
C9A FAD J . 1.14 19.05 -6.10
N10 FAD J . 0.66 18.42 -7.37
C10 FAD J . 0.97 17.05 -7.71
C1' FAD J . -0.11 19.26 -8.34
C2' FAD J . 0.93 19.77 -9.38
O2' FAD J . 2.07 20.22 -8.74
C3' FAD J . 0.36 20.93 -10.22
O3' FAD J . -0.04 21.96 -9.39
C4' FAD J . -0.81 20.44 -11.11
O4' FAD J . -0.45 19.28 -11.80
C5' FAD J . -1.18 21.56 -12.09
O5' FAD J . -0.03 21.76 -12.88
P FAD J . 0.08 23.18 -13.76
O1P FAD J . 0.57 22.96 -15.17
O2P FAD J . -1.30 23.79 -13.79
O3P FAD J . 1.14 24.25 -13.06
C1 GOL K . -18.54 25.97 8.73
O1 GOL K . -19.03 26.43 9.96
C2 GOL K . -19.40 24.83 8.23
O2 GOL K . -19.97 24.08 9.29
C3 GOL K . -18.57 23.93 7.36
O3 GOL K . -18.86 24.25 6.02
C1 GOL L . 16.48 34.55 3.29
O1 GOL L . 17.07 33.94 4.43
C2 GOL L . 16.12 35.99 3.61
O2 GOL L . 17.01 36.58 4.51
C3 GOL L . 16.02 36.82 2.33
O3 GOL L . 16.29 38.18 2.55
#